data_1QP8
#
_entry.id   1QP8
#
_cell.length_a   101.760
_cell.length_b   101.760
_cell.length_c   212.950
_cell.angle_alpha   90.00
_cell.angle_beta   90.00
_cell.angle_gamma   90.00
#
_symmetry.space_group_name_H-M   'P 41 21 2'
#
loop_
_entity.id
_entity.type
_entity.pdbx_description
1 polymer 'FORMATE DEHYDROGENASE'
2 non-polymer 'NADPH DIHYDRO-NICOTINAMIDE-ADENINE-DINUCLEOTIDE PHOSPHATE'
3 water water
#
_entity_poly.entity_id   1
_entity_poly.type   'polypeptide(L)'
_entity_poly.pdbx_seq_one_letter_code
;(MSE)ELYVNFELPPEAEEELRKYFKIVRGGDLGNVEAALVSRITAEELAK(MSE)PRLKFIQVVTAGLDHLPWESIPPH
VTVAGNAGSNADAVAEFALALLLAPYKRIIQYGEK(MSE)KRGDYGRDVEIPLIQGEKVAVLGLGEIGTRVGKILAALGA
QVRGFSRTPKEGPWRFTNSLEEALREARAAVCALPLNKHTRGLVKYQHLAL(MSE)AEDAVFVNVGRAEVLDRDGVLRIL
KERPQFIFASDVWWGRNDFAKDAEFFSLPNVVATPWVAGGYGNERVWRQ(MSE)V(MSE)EAVRNLITYATGGRPRNIAK
REDYIGS
;
_entity_poly.pdbx_strand_id   A,B
#
loop_
_chem_comp.id
_chem_comp.type
_chem_comp.name
_chem_comp.formula
NDP non-polymer 'NADPH DIHYDRO-NICOTINAMIDE-ADENINE-DINUCLEOTIDE PHOSPHATE' 'C21 H30 N7 O17 P3'
#
# COMPACT_ATOMS: atom_id res chain seq x y z
N MSE A 1 -29.67 4.70 35.64
CA MSE A 1 -29.95 3.79 34.50
C MSE A 1 -28.96 2.64 34.53
O MSE A 1 -27.75 2.86 34.56
CB MSE A 1 -29.80 4.54 33.18
CG MSE A 1 -30.47 3.85 32.01
SE MSE A 1 -30.25 4.72 30.45
CE MSE A 1 -30.13 6.46 31.00
N GLU A 2 -29.47 1.41 34.54
CA GLU A 2 -28.60 0.23 34.58
C GLU A 2 -28.11 -0.07 33.18
N LEU A 3 -26.82 -0.38 33.07
CA LEU A 3 -26.21 -0.74 31.80
C LEU A 3 -25.67 -2.16 31.92
N TYR A 4 -26.04 -3.02 30.99
CA TYR A 4 -25.59 -4.39 30.97
C TYR A 4 -24.32 -4.39 30.14
N VAL A 5 -23.34 -5.20 30.54
CA VAL A 5 -22.09 -5.25 29.80
C VAL A 5 -21.67 -6.72 29.82
N ASN A 6 -21.44 -7.28 28.64
CA ASN A 6 -21.07 -8.67 28.61
C ASN A 6 -19.68 -8.98 28.11
N PHE A 7 -18.76 -8.03 28.25
CA PHE A 7 -17.40 -8.27 27.80
C PHE A 7 -16.41 -7.46 28.60
N GLU A 8 -15.15 -7.90 28.62
CA GLU A 8 -14.07 -7.21 29.37
C GLU A 8 -13.95 -5.75 28.99
N LEU A 9 -14.05 -4.86 29.96
CA LEU A 9 -13.96 -3.43 29.67
C LEU A 9 -12.66 -2.76 30.04
N PRO A 10 -12.08 -1.99 29.11
CA PRO A 10 -10.83 -1.31 29.44
C PRO A 10 -11.09 -0.37 30.63
N PRO A 11 -10.17 -0.31 31.60
CA PRO A 11 -10.28 0.54 32.79
C PRO A 11 -10.69 1.96 32.45
N GLU A 12 -10.19 2.43 31.32
CA GLU A 12 -10.50 3.77 30.85
C GLU A 12 -12.02 3.92 30.64
N ALA A 13 -12.62 2.89 30.03
CA ALA A 13 -14.05 2.87 29.77
C ALA A 13 -14.88 2.80 31.05
N GLU A 14 -14.61 1.79 31.88
CA GLU A 14 -15.32 1.60 33.15
C GLU A 14 -15.33 2.89 33.95
N GLU A 15 -14.19 3.56 34.03
CA GLU A 15 -14.15 4.80 34.77
C GLU A 15 -15.28 5.70 34.27
N GLU A 16 -15.25 6.00 32.97
CA GLU A 16 -16.26 6.87 32.38
C GLU A 16 -17.71 6.37 32.53
N LEU A 17 -17.96 5.09 32.28
CA LEU A 17 -19.31 4.57 32.38
C LEU A 17 -19.88 4.72 33.77
N ARG A 18 -19.04 4.50 34.79
CA ARG A 18 -19.49 4.59 36.17
C ARG A 18 -20.00 5.97 36.56
N LYS A 19 -19.62 7.00 35.81
CA LYS A 19 -20.07 8.34 36.10
C LYS A 19 -21.48 8.55 35.55
N TYR A 20 -21.91 7.63 34.69
CA TYR A 20 -23.23 7.71 34.07
C TYR A 20 -24.20 6.57 34.33
N PHE A 21 -23.69 5.37 34.54
CA PHE A 21 -24.57 4.23 34.74
C PHE A 21 -24.22 3.35 35.93
N LYS A 22 -25.09 2.39 36.16
CA LYS A 22 -24.88 1.38 37.17
C LYS A 22 -24.58 0.16 36.29
N ILE A 23 -23.30 -0.16 36.13
CA ILE A 23 -22.92 -1.28 35.31
C ILE A 23 -23.45 -2.53 35.97
N VAL A 24 -23.96 -3.46 35.16
CA VAL A 24 -24.54 -4.69 35.66
C VAL A 24 -24.09 -5.84 34.75
N ARG A 25 -23.38 -6.83 35.30
CA ARG A 25 -22.91 -7.92 34.47
C ARG A 25 -23.59 -9.25 34.75
N GLY A 26 -24.63 -9.23 35.58
CA GLY A 26 -25.32 -10.48 35.87
C GLY A 26 -26.44 -10.27 36.86
N GLY A 27 -27.05 -11.37 37.29
CA GLY A 27 -28.15 -11.26 38.23
C GLY A 27 -29.40 -10.81 37.48
N ASP A 28 -30.32 -10.19 38.22
CA ASP A 28 -31.56 -9.71 37.62
C ASP A 28 -31.24 -8.58 36.64
N LEU A 29 -31.74 -8.70 35.42
CA LEU A 29 -31.49 -7.67 34.43
C LEU A 29 -32.79 -6.90 34.11
N GLY A 30 -33.81 -7.18 34.90
CA GLY A 30 -35.10 -6.54 34.71
C GLY A 30 -35.13 -5.03 34.59
N ASN A 31 -34.28 -4.32 35.31
CA ASN A 31 -34.31 -2.86 35.23
C ASN A 31 -33.27 -2.27 34.29
N VAL A 32 -32.54 -3.16 33.63
CA VAL A 32 -31.54 -2.75 32.68
C VAL A 32 -32.25 -2.02 31.53
N GLU A 33 -31.83 -0.79 31.22
CA GLU A 33 -32.40 -0.04 30.11
C GLU A 33 -31.18 0.05 29.18
N ALA A 34 -30.09 -0.50 29.72
CA ALA A 34 -28.73 -0.61 29.21
C ALA A 34 -28.39 -0.66 27.77
N ALA A 35 -27.45 -1.56 27.45
CA ALA A 35 -26.91 -1.82 26.11
C ALA A 35 -25.47 -2.33 26.20
N LEU A 36 -24.55 -1.68 25.50
CA LEU A 36 -23.11 -2.03 25.45
C LEU A 36 -22.67 -3.48 25.35
N VAL A 37 -22.53 -3.97 24.13
CA VAL A 37 -22.13 -5.34 23.85
C VAL A 37 -21.39 -5.43 22.52
N SER A 38 -20.94 -6.64 22.22
CA SER A 38 -20.27 -6.94 20.96
C SER A 38 -21.16 -7.97 20.26
N ARG A 39 -21.73 -8.84 21.05
CA ARG A 39 -22.64 -9.86 20.56
C ARG A 39 -23.69 -9.99 21.64
N ILE A 40 -24.86 -10.51 21.30
CA ILE A 40 -25.90 -10.64 22.29
C ILE A 40 -26.82 -11.77 21.83
N THR A 41 -27.18 -12.64 22.77
CA THR A 41 -28.03 -13.77 22.43
C THR A 41 -29.48 -13.49 22.78
N ALA A 42 -30.38 -14.32 22.25
CA ALA A 42 -31.77 -14.15 22.54
C ALA A 42 -32.00 -14.47 24.02
N GLU A 43 -31.13 -15.29 24.60
CA GLU A 43 -31.26 -15.64 26.00
C GLU A 43 -31.07 -14.38 26.83
N GLU A 44 -30.12 -13.53 26.46
CA GLU A 44 -29.91 -12.30 27.21
C GLU A 44 -31.04 -11.31 26.92
N LEU A 45 -31.46 -11.23 25.66
CA LEU A 45 -32.54 -10.31 25.31
C LEU A 45 -33.83 -10.56 26.06
N ALA A 46 -34.10 -11.82 26.38
CA ALA A 46 -35.34 -12.13 27.08
C ALA A 46 -35.34 -11.63 28.51
N LYS A 47 -34.16 -11.52 29.09
CA LYS A 47 -34.05 -11.06 30.47
C LYS A 47 -34.12 -9.55 30.61
N MSE A 48 -34.08 -8.83 29.49
CA MSE A 48 -34.11 -7.36 29.52
C MSE A 48 -35.37 -6.74 28.94
O MSE A 48 -35.35 -6.11 27.87
CB MSE A 48 -32.87 -6.81 28.81
CG MSE A 48 -31.60 -6.93 29.63
SE MSE A 48 -30.13 -7.12 28.61
CE MSE A 48 -29.69 -5.46 28.31
N PRO A 49 -36.50 -6.85 29.67
CA PRO A 49 -37.81 -6.32 29.29
C PRO A 49 -37.79 -4.83 29.03
N ARG A 50 -37.06 -4.09 29.88
CA ARG A 50 -36.99 -2.63 29.74
C ARG A 50 -35.83 -2.12 28.92
N LEU A 51 -35.10 -3.01 28.26
CA LEU A 51 -33.99 -2.56 27.44
C LEU A 51 -34.57 -1.61 26.40
N LYS A 52 -33.96 -0.45 26.26
CA LYS A 52 -34.45 0.53 25.30
C LYS A 52 -33.37 1.01 24.33
N PHE A 53 -32.12 0.68 24.62
CA PHE A 53 -31.00 1.07 23.75
C PHE A 53 -29.91 0.01 23.78
N ILE A 54 -29.28 -0.22 22.63
CA ILE A 54 -28.20 -1.21 22.56
C ILE A 54 -27.05 -0.65 21.74
N GLN A 55 -25.95 -0.33 22.42
CA GLN A 55 -24.76 0.19 21.75
C GLN A 55 -23.84 -0.96 21.47
N VAL A 56 -23.54 -1.16 20.19
CA VAL A 56 -22.66 -2.23 19.77
C VAL A 56 -21.26 -1.67 19.54
N VAL A 57 -20.25 -2.41 19.95
CA VAL A 57 -18.86 -2.00 19.80
C VAL A 57 -18.33 -2.13 18.36
N THR A 58 -18.75 -3.19 17.68
CA THR A 58 -18.30 -3.43 16.30
C THR A 58 -18.93 -2.45 15.30
N ALA A 59 -18.35 -2.38 14.10
CA ALA A 59 -18.87 -1.47 13.09
C ALA A 59 -20.10 -2.02 12.40
N GLY A 60 -20.22 -3.36 12.34
CA GLY A 60 -21.36 -3.98 11.69
C GLY A 60 -22.43 -4.44 12.67
N LEU A 61 -23.60 -4.83 12.16
CA LEU A 61 -24.69 -5.27 13.02
C LEU A 61 -25.41 -6.51 12.53
N ASP A 62 -24.95 -7.07 11.42
CA ASP A 62 -25.58 -8.26 10.86
C ASP A 62 -25.57 -9.44 11.83
N HIS A 63 -24.53 -9.52 12.67
CA HIS A 63 -24.42 -10.61 13.63
C HIS A 63 -25.47 -10.59 14.74
N LEU A 64 -26.17 -9.46 14.91
CA LEU A 64 -27.19 -9.36 15.96
C LEU A 64 -28.45 -10.16 15.66
N PRO A 65 -29.01 -10.82 16.68
CA PRO A 65 -30.23 -11.63 16.54
C PRO A 65 -31.28 -10.94 15.68
N TRP A 66 -31.55 -9.67 15.99
CA TRP A 66 -32.53 -8.88 15.25
C TRP A 66 -33.93 -9.46 15.36
N GLU A 67 -34.09 -10.74 15.05
CA GLU A 67 -35.41 -11.33 15.14
C GLU A 67 -35.82 -11.53 16.59
N SER A 68 -34.88 -11.23 17.50
CA SER A 68 -35.18 -11.39 18.92
C SER A 68 -35.09 -10.07 19.67
N ILE A 69 -34.80 -9.00 18.94
CA ILE A 69 -34.70 -7.67 19.53
C ILE A 69 -36.02 -6.95 19.33
N PRO A 70 -36.74 -6.67 20.42
CA PRO A 70 -38.03 -5.97 20.30
C PRO A 70 -37.86 -4.77 19.35
N PRO A 71 -38.79 -4.60 18.41
CA PRO A 71 -38.81 -3.54 17.39
C PRO A 71 -38.60 -2.09 17.83
N HIS A 72 -38.65 -1.84 19.13
CA HIS A 72 -38.50 -0.47 19.65
C HIS A 72 -37.17 -0.22 20.34
N VAL A 73 -36.32 -1.24 20.41
CA VAL A 73 -35.07 -1.11 21.14
C VAL A 73 -33.99 -0.14 20.70
N THR A 74 -33.98 0.34 19.46
CA THR A 74 -32.94 1.31 19.07
C THR A 74 -31.54 0.73 19.22
N VAL A 75 -30.92 0.38 18.10
CA VAL A 75 -29.60 -0.19 18.09
C VAL A 75 -28.63 0.73 17.38
N ALA A 76 -27.59 1.17 18.06
CA ALA A 76 -26.60 2.02 17.41
C ALA A 76 -25.32 1.24 17.37
N GLY A 77 -24.61 1.32 16.25
CA GLY A 77 -23.37 0.61 16.20
C GLY A 77 -22.19 1.58 16.14
N ASN A 78 -21.00 1.03 16.01
CA ASN A 78 -19.85 1.88 15.86
C ASN A 78 -19.75 1.99 14.33
N ALA A 79 -18.63 2.52 13.84
CA ALA A 79 -18.39 2.69 12.40
C ALA A 79 -17.49 3.90 12.31
N GLY A 80 -16.34 3.76 11.69
CA GLY A 80 -15.43 4.89 11.62
C GLY A 80 -14.59 4.84 12.89
N SER A 81 -14.97 3.96 13.80
CA SER A 81 -14.23 3.82 15.03
C SER A 81 -12.95 3.10 14.70
N ASN A 82 -12.96 2.39 13.57
CA ASN A 82 -11.78 1.68 13.09
C ASN A 82 -11.56 1.95 11.59
N ALA A 83 -12.19 3.02 11.10
CA ALA A 83 -12.10 3.37 9.69
C ALA A 83 -10.68 3.49 9.19
N ASP A 84 -9.83 4.22 9.91
CA ASP A 84 -8.46 4.36 9.47
C ASP A 84 -7.73 3.02 9.43
N ALA A 85 -7.75 2.29 10.53
CA ALA A 85 -7.06 1.00 10.59
C ALA A 85 -7.43 0.09 9.42
N VAL A 86 -8.73 -0.17 9.29
CA VAL A 86 -9.23 -1.01 8.22
C VAL A 86 -8.87 -0.43 6.86
N ALA A 87 -8.87 0.91 6.78
CA ALA A 87 -8.53 1.59 5.54
C ALA A 87 -7.13 1.20 5.08
N GLU A 88 -6.11 1.48 5.89
CA GLU A 88 -4.74 1.13 5.52
C GLU A 88 -4.60 -0.36 5.23
N PHE A 89 -5.35 -1.18 5.96
CA PHE A 89 -5.26 -2.61 5.74
C PHE A 89 -5.72 -2.99 4.33
N ALA A 90 -6.79 -2.34 3.86
CA ALA A 90 -7.30 -2.64 2.53
C ALA A 90 -6.30 -2.25 1.46
N LEU A 91 -5.61 -1.13 1.67
CA LEU A 91 -4.63 -0.70 0.69
C LEU A 91 -3.52 -1.71 0.62
N ALA A 92 -3.08 -2.18 1.78
CA ALA A 92 -2.02 -3.19 1.85
C ALA A 92 -2.52 -4.43 1.13
N LEU A 93 -3.73 -4.83 1.47
CA LEU A 93 -4.33 -6.00 0.85
C LEU A 93 -4.38 -5.86 -0.65
N LEU A 94 -4.48 -4.64 -1.13
CA LEU A 94 -4.55 -4.39 -2.55
C LEU A 94 -3.17 -4.35 -3.20
N LEU A 95 -2.31 -3.48 -2.70
CA LEU A 95 -0.98 -3.32 -3.27
C LEU A 95 -0.07 -4.55 -3.20
N ALA A 96 -0.19 -5.37 -2.16
CA ALA A 96 0.67 -6.55 -2.04
C ALA A 96 0.58 -7.42 -3.27
N PRO A 97 -0.64 -7.82 -3.65
CA PRO A 97 -0.82 -8.66 -4.84
C PRO A 97 -0.78 -7.82 -6.12
N TYR A 98 -1.36 -6.62 -6.05
CA TYR A 98 -1.42 -5.73 -7.21
C TYR A 98 -0.06 -5.39 -7.77
N LYS A 99 0.80 -4.81 -6.97
CA LYS A 99 2.13 -4.46 -7.46
C LYS A 99 3.02 -5.71 -7.54
N ARG A 100 2.38 -6.88 -7.41
CA ARG A 100 3.07 -8.17 -7.51
C ARG A 100 4.20 -8.35 -6.49
N ILE A 101 4.10 -7.71 -5.33
CA ILE A 101 5.14 -7.84 -4.31
C ILE A 101 5.21 -9.30 -3.80
N ILE A 102 4.07 -9.84 -3.40
CA ILE A 102 4.04 -11.20 -2.88
C ILE A 102 4.58 -12.19 -3.89
N GLN A 103 4.09 -12.10 -5.12
CA GLN A 103 4.53 -13.03 -6.16
C GLN A 103 6.03 -12.94 -6.46
N TYR A 104 6.56 -11.74 -6.69
CA TYR A 104 7.99 -11.64 -6.96
C TYR A 104 8.84 -12.05 -5.75
N GLY A 105 8.34 -11.80 -4.55
CA GLY A 105 9.08 -12.17 -3.36
C GLY A 105 9.26 -13.68 -3.35
N GLU A 106 8.24 -14.40 -3.81
CA GLU A 106 8.28 -15.85 -3.86
C GLU A 106 9.31 -16.28 -4.88
N LYS A 107 9.24 -15.69 -6.08
CA LYS A 107 10.18 -16.05 -7.14
C LYS A 107 11.62 -15.80 -6.70
N MSE A 108 11.86 -14.73 -5.95
CA MSE A 108 13.21 -14.44 -5.48
C MSE A 108 13.66 -15.55 -4.54
O MSE A 108 14.78 -16.07 -4.65
CB MSE A 108 13.25 -13.10 -4.74
CG MSE A 108 13.15 -11.86 -5.63
SE MSE A 108 14.57 -11.57 -6.72
CE MSE A 108 13.80 -11.93 -8.30
N LYS A 109 12.78 -15.91 -3.60
CA LYS A 109 13.09 -16.95 -2.64
C LYS A 109 13.46 -18.28 -3.29
N ARG A 110 12.76 -18.63 -4.37
CA ARG A 110 13.03 -19.90 -5.03
C ARG A 110 14.20 -19.87 -6.01
N GLY A 111 14.83 -18.71 -6.13
CA GLY A 111 15.98 -18.59 -7.02
C GLY A 111 15.65 -18.02 -8.38
N ASP A 112 14.36 -17.89 -8.68
CA ASP A 112 13.93 -17.34 -9.95
C ASP A 112 14.15 -15.81 -9.93
N TYR A 113 15.02 -15.31 -10.79
CA TYR A 113 15.31 -13.88 -10.82
C TYR A 113 14.84 -13.23 -12.12
N GLY A 114 13.92 -13.88 -12.81
CA GLY A 114 13.42 -13.32 -14.05
C GLY A 114 12.45 -12.19 -13.78
N ARG A 115 12.29 -11.33 -14.77
CA ARG A 115 11.37 -10.20 -14.68
C ARG A 115 10.31 -10.43 -15.73
N ASP A 116 9.76 -11.64 -15.72
CA ASP A 116 8.72 -12.01 -16.68
C ASP A 116 7.33 -11.51 -16.38
N VAL A 117 7.10 -11.04 -15.16
CA VAL A 117 5.77 -10.56 -14.78
C VAL A 117 5.74 -9.04 -14.84
N GLU A 118 4.79 -8.47 -15.58
CA GLU A 118 4.72 -7.02 -15.64
C GLU A 118 4.00 -6.46 -14.42
N ILE A 119 4.52 -5.34 -13.92
CA ILE A 119 3.96 -4.70 -12.74
C ILE A 119 2.90 -3.68 -13.13
N PRO A 120 1.64 -3.92 -12.73
CA PRO A 120 0.54 -3.01 -13.04
C PRO A 120 0.75 -1.67 -12.41
N LEU A 121 0.15 -0.64 -13.00
CA LEU A 121 0.26 0.68 -12.43
C LEU A 121 -1.12 1.01 -11.87
N ILE A 122 -1.15 1.85 -10.86
CA ILE A 122 -2.42 2.24 -10.28
C ILE A 122 -2.88 3.48 -11.03
N GLN A 123 -1.91 4.35 -11.29
CA GLN A 123 -2.15 5.59 -12.03
C GLN A 123 -2.97 5.31 -13.30
N GLY A 124 -4.00 6.11 -13.51
CA GLY A 124 -4.83 5.95 -14.68
C GLY A 124 -5.59 4.64 -14.76
N GLU A 125 -5.73 3.94 -13.64
CA GLU A 125 -6.44 2.67 -13.67
C GLU A 125 -7.86 2.74 -13.14
N LYS A 126 -8.72 1.90 -13.71
CA LYS A 126 -10.12 1.83 -13.33
C LYS A 126 -10.25 1.00 -12.05
N VAL A 127 -10.53 1.66 -10.94
CA VAL A 127 -10.65 0.98 -9.66
C VAL A 127 -12.02 1.21 -9.01
N ALA A 128 -12.71 0.13 -8.68
CA ALA A 128 -14.02 0.22 -8.04
C ALA A 128 -13.84 0.31 -6.53
N VAL A 129 -14.86 0.79 -5.84
CA VAL A 129 -14.84 0.90 -4.39
C VAL A 129 -16.27 0.73 -3.91
N LEU A 130 -16.72 -0.51 -3.78
CA LEU A 130 -18.07 -0.79 -3.34
C LEU A 130 -18.27 -0.42 -1.87
N GLY A 131 -19.20 0.48 -1.62
CA GLY A 131 -19.45 0.94 -0.26
C GLY A 131 -18.67 2.22 -0.04
N LEU A 132 -19.38 3.32 0.21
CA LEU A 132 -18.69 4.58 0.41
C LEU A 132 -18.77 5.09 1.85
N GLY A 133 -17.97 6.09 2.18
CA GLY A 133 -18.01 6.60 3.53
C GLY A 133 -17.33 5.75 4.59
N GLU A 134 -16.52 6.43 5.40
CA GLU A 134 -15.75 5.86 6.51
C GLU A 134 -14.55 5.09 6.02
N ILE A 135 -14.76 3.85 5.63
CA ILE A 135 -13.68 3.04 5.11
C ILE A 135 -13.64 3.28 3.61
N GLY A 136 -14.75 2.97 2.95
CA GLY A 136 -14.83 3.14 1.50
C GLY A 136 -14.21 4.44 1.05
N THR A 137 -14.64 5.52 1.69
CA THR A 137 -14.16 6.85 1.37
C THR A 137 -12.68 7.08 1.56
N ARG A 138 -12.12 6.59 2.66
CA ARG A 138 -10.70 6.79 2.91
C ARG A 138 -9.91 6.07 1.83
N VAL A 139 -10.38 4.88 1.50
CA VAL A 139 -9.72 4.09 0.47
C VAL A 139 -9.81 4.87 -0.83
N GLY A 140 -11.04 5.20 -1.21
CA GLY A 140 -11.27 5.96 -2.44
C GLY A 140 -10.39 7.19 -2.56
N LYS A 141 -10.31 7.98 -1.49
CA LYS A 141 -9.47 9.17 -1.54
C LYS A 141 -8.01 8.85 -1.82
N ILE A 142 -7.47 7.80 -1.21
CA ILE A 142 -6.07 7.43 -1.42
C ILE A 142 -5.83 6.91 -2.83
N LEU A 143 -6.71 6.05 -3.30
CA LEU A 143 -6.54 5.51 -4.65
C LEU A 143 -6.48 6.69 -5.60
N ALA A 144 -7.51 7.54 -5.53
CA ALA A 144 -7.58 8.72 -6.38
C ALA A 144 -6.29 9.51 -6.28
N ALA A 145 -5.84 9.78 -5.06
CA ALA A 145 -4.61 10.53 -4.87
C ALA A 145 -3.41 9.80 -5.49
N LEU A 146 -3.58 8.53 -5.85
CA LEU A 146 -2.48 7.78 -6.46
C LEU A 146 -2.65 7.81 -7.98
N GLY A 147 -3.68 8.50 -8.42
CA GLY A 147 -3.93 8.62 -9.85
C GLY A 147 -4.89 7.60 -10.42
N ALA A 148 -5.69 6.98 -9.58
CA ALA A 148 -6.62 5.98 -10.08
C ALA A 148 -7.94 6.58 -10.51
N GLN A 149 -8.57 5.96 -11.51
CA GLN A 149 -9.86 6.40 -11.98
C GLN A 149 -10.86 5.69 -11.09
N VAL A 150 -10.95 6.14 -9.84
CA VAL A 150 -11.83 5.52 -8.87
C VAL A 150 -13.30 5.64 -9.25
N ARG A 151 -14.03 4.53 -9.17
CA ARG A 151 -15.45 4.53 -9.46
C ARG A 151 -16.15 4.12 -8.17
N GLY A 152 -16.55 5.08 -7.35
CA GLY A 152 -17.20 4.77 -6.10
C GLY A 152 -18.67 4.37 -6.21
N PHE A 153 -19.01 3.24 -5.58
CA PHE A 153 -20.37 2.72 -5.57
C PHE A 153 -20.97 2.93 -4.18
N SER A 154 -22.30 3.02 -4.12
CA SER A 154 -22.98 3.22 -2.83
C SER A 154 -24.48 3.37 -3.03
N ARG A 155 -25.22 3.21 -1.94
CA ARG A 155 -26.68 3.31 -1.94
C ARG A 155 -27.07 4.77 -2.15
N THR A 156 -26.84 5.59 -1.12
CA THR A 156 -27.16 7.01 -1.23
C THR A 156 -25.96 7.69 -1.90
N PRO A 157 -26.19 8.42 -2.99
CA PRO A 157 -25.14 9.13 -3.73
C PRO A 157 -24.30 10.01 -2.85
N LYS A 158 -23.96 11.19 -3.35
CA LYS A 158 -23.15 12.16 -2.61
C LYS A 158 -21.76 11.59 -2.31
N GLU A 159 -20.73 12.18 -2.91
CA GLU A 159 -19.37 11.73 -2.68
C GLU A 159 -18.27 12.76 -2.92
N GLY A 160 -17.13 12.29 -3.44
CA GLY A 160 -15.99 13.16 -3.71
C GLY A 160 -15.14 12.73 -4.90
N PRO A 161 -13.83 12.50 -4.70
CA PRO A 161 -12.83 12.09 -5.72
C PRO A 161 -13.15 10.87 -6.55
N TRP A 162 -14.33 10.81 -7.17
CA TRP A 162 -14.68 9.64 -7.98
C TRP A 162 -16.01 9.74 -8.72
N ARG A 163 -16.20 8.86 -9.69
CA ARG A 163 -17.40 8.86 -10.50
C ARG A 163 -18.56 8.04 -9.91
N PHE A 164 -19.09 8.44 -8.75
CA PHE A 164 -20.19 7.73 -8.09
C PHE A 164 -21.19 6.96 -9.00
N THR A 165 -21.65 5.78 -8.55
CA THR A 165 -22.60 4.95 -9.30
C THR A 165 -23.62 4.36 -8.33
N ASN A 166 -24.70 3.79 -8.87
CA ASN A 166 -25.71 3.16 -8.05
C ASN A 166 -25.88 1.74 -8.55
N SER A 167 -24.90 1.29 -9.33
CA SER A 167 -24.89 -0.06 -9.87
C SER A 167 -23.51 -0.68 -9.63
N LEU A 168 -23.46 -1.68 -8.76
CA LEU A 168 -22.20 -2.36 -8.45
C LEU A 168 -21.54 -2.74 -9.76
N GLU A 169 -22.36 -3.25 -10.69
CA GLU A 169 -21.89 -3.67 -12.01
C GLU A 169 -21.07 -2.58 -12.68
N GLU A 170 -21.69 -1.44 -12.93
CA GLU A 170 -20.97 -0.34 -13.54
C GLU A 170 -20.08 0.27 -12.48
N ALA A 171 -18.90 -0.33 -12.31
CA ALA A 171 -17.91 0.10 -11.33
C ALA A 171 -16.87 -0.99 -11.44
N LEU A 172 -17.37 -2.19 -11.69
CA LEU A 172 -16.55 -3.37 -11.85
C LEU A 172 -16.19 -3.54 -13.34
N ARG A 173 -17.02 -2.96 -14.23
CA ARG A 173 -16.78 -3.07 -15.66
C ARG A 173 -15.35 -2.74 -16.03
N GLU A 174 -14.66 -3.74 -16.58
CA GLU A 174 -13.27 -3.59 -16.99
C GLU A 174 -12.42 -2.94 -15.92
N ALA A 175 -12.84 -3.06 -14.66
CA ALA A 175 -12.07 -2.49 -13.57
C ALA A 175 -10.87 -3.42 -13.33
N ARG A 176 -9.73 -2.84 -13.00
CA ARG A 176 -8.54 -3.63 -12.73
C ARG A 176 -8.41 -3.97 -11.25
N ALA A 177 -9.32 -3.42 -10.45
CA ALA A 177 -9.31 -3.65 -9.02
C ALA A 177 -10.57 -3.16 -8.36
N ALA A 178 -10.83 -3.68 -7.18
CA ALA A 178 -11.99 -3.31 -6.40
C ALA A 178 -11.67 -3.50 -4.94
N VAL A 179 -12.09 -2.54 -4.13
CA VAL A 179 -11.89 -2.61 -2.68
C VAL A 179 -13.32 -2.63 -2.14
N CYS A 180 -13.79 -3.79 -1.69
CA CYS A 180 -15.14 -3.87 -1.17
C CYS A 180 -15.16 -3.67 0.34
N ALA A 181 -16.11 -2.85 0.79
CA ALA A 181 -16.28 -2.50 2.20
C ALA A 181 -17.74 -2.26 2.50
N LEU A 182 -18.63 -3.00 1.84
CA LEU A 182 -20.05 -2.84 2.07
C LEU A 182 -20.45 -3.47 3.38
N PRO A 183 -21.50 -2.93 4.01
CA PRO A 183 -22.00 -3.46 5.28
C PRO A 183 -22.90 -4.62 4.87
N LEU A 184 -23.12 -5.60 5.73
CA LEU A 184 -23.97 -6.71 5.32
C LEU A 184 -25.42 -6.62 5.82
N ASN A 185 -26.35 -6.30 4.93
CA ASN A 185 -27.76 -6.24 5.29
C ASN A 185 -28.52 -7.09 4.26
N LYS A 186 -29.84 -7.00 4.24
CA LYS A 186 -30.62 -7.82 3.30
C LYS A 186 -30.45 -7.37 1.85
N HIS A 187 -29.95 -6.16 1.66
CA HIS A 187 -29.75 -5.63 0.32
C HIS A 187 -28.35 -5.92 -0.20
N THR A 188 -27.41 -6.23 0.71
CA THR A 188 -26.05 -6.53 0.28
C THR A 188 -25.74 -8.02 0.20
N ARG A 189 -26.55 -8.87 0.83
CA ARG A 189 -26.32 -10.32 0.77
C ARG A 189 -26.05 -10.67 -0.68
N GLY A 190 -25.35 -11.76 -0.96
CA GLY A 190 -25.03 -12.14 -2.35
C GLY A 190 -25.17 -11.11 -3.46
N LEU A 191 -24.85 -9.87 -3.16
CA LEU A 191 -24.96 -8.78 -4.12
C LEU A 191 -24.02 -8.97 -5.31
N VAL A 192 -22.73 -9.04 -5.02
CA VAL A 192 -21.73 -9.24 -6.05
C VAL A 192 -21.77 -10.70 -6.45
N LYS A 193 -21.97 -10.96 -7.74
CA LYS A 193 -22.04 -12.33 -8.23
C LYS A 193 -21.06 -12.61 -9.35
N TYR A 194 -20.82 -13.90 -9.62
CA TYR A 194 -19.90 -14.32 -10.66
C TYR A 194 -19.96 -13.41 -11.88
N GLN A 195 -21.17 -13.27 -12.42
CA GLN A 195 -21.43 -12.44 -13.58
C GLN A 195 -20.85 -11.04 -13.43
N HIS A 196 -21.02 -10.45 -12.25
CA HIS A 196 -20.51 -9.11 -11.98
C HIS A 196 -18.98 -9.13 -11.92
N LEU A 197 -18.44 -10.03 -11.11
CA LEU A 197 -17.01 -10.18 -10.98
C LEU A 197 -16.37 -10.34 -12.35
N ALA A 198 -16.99 -11.18 -13.17
CA ALA A 198 -16.52 -11.47 -14.53
C ALA A 198 -16.46 -10.24 -15.45
N LEU A 199 -17.01 -9.12 -15.00
CA LEU A 199 -17.00 -7.90 -15.80
C LEU A 199 -15.66 -7.21 -15.60
N MSE A 200 -14.91 -7.64 -14.60
CA MSE A 200 -13.61 -7.05 -14.33
C MSE A 200 -12.59 -7.59 -15.30
O MSE A 200 -12.88 -8.51 -16.06
CB MSE A 200 -13.18 -7.34 -12.89
CG MSE A 200 -14.02 -6.68 -11.84
SE MSE A 200 -13.34 -6.92 -10.18
CE MSE A 200 -14.10 -8.50 -9.79
N ALA A 201 -11.39 -7.03 -15.27
CA ALA A 201 -10.32 -7.49 -16.13
C ALA A 201 -9.94 -8.91 -15.69
N GLU A 202 -9.53 -9.76 -16.63
CA GLU A 202 -9.17 -11.13 -16.26
C GLU A 202 -7.93 -11.11 -15.39
N ASP A 203 -7.34 -9.94 -15.30
CA ASP A 203 -6.12 -9.71 -14.55
C ASP A 203 -6.38 -9.00 -13.21
N ALA A 204 -7.63 -8.67 -12.95
CA ALA A 204 -8.04 -7.93 -11.75
C ALA A 204 -7.74 -8.52 -10.38
N VAL A 205 -7.73 -7.61 -9.40
CA VAL A 205 -7.48 -7.87 -8.00
C VAL A 205 -8.70 -7.41 -7.23
N PHE A 206 -9.46 -8.32 -6.64
CA PHE A 206 -10.65 -7.93 -5.89
C PHE A 206 -10.34 -8.00 -4.40
N VAL A 207 -10.40 -6.88 -3.71
CA VAL A 207 -10.15 -6.86 -2.28
C VAL A 207 -11.43 -6.76 -1.43
N ASN A 208 -11.67 -7.72 -0.55
CA ASN A 208 -12.85 -7.64 0.31
C ASN A 208 -12.42 -7.39 1.73
N VAL A 209 -12.95 -6.36 2.35
CA VAL A 209 -12.55 -6.04 3.71
C VAL A 209 -13.78 -5.91 4.63
N GLY A 210 -14.97 -5.95 4.03
CA GLY A 210 -16.17 -5.91 4.81
C GLY A 210 -16.72 -7.32 4.78
N ARG A 211 -17.86 -7.52 5.42
CA ARG A 211 -18.47 -8.86 5.44
C ARG A 211 -18.43 -9.66 4.12
N ALA A 212 -18.01 -10.92 4.22
CA ALA A 212 -17.87 -11.82 3.08
C ALA A 212 -19.18 -12.19 2.38
N GLU A 213 -20.23 -12.40 3.17
CA GLU A 213 -21.55 -12.78 2.66
C GLU A 213 -22.05 -11.89 1.53
N VAL A 214 -21.46 -10.71 1.41
CA VAL A 214 -21.82 -9.74 0.38
C VAL A 214 -21.47 -10.29 -0.99
N LEU A 215 -20.56 -11.25 -1.02
CA LEU A 215 -20.15 -11.88 -2.26
C LEU A 215 -20.70 -13.30 -2.28
N ASP A 216 -21.22 -13.73 -3.41
CA ASP A 216 -21.72 -15.08 -3.53
C ASP A 216 -20.49 -15.98 -3.50
N ARG A 217 -20.32 -16.70 -2.39
CA ARG A 217 -19.17 -17.58 -2.24
C ARG A 217 -18.89 -18.45 -3.46
N ASP A 218 -19.91 -19.08 -4.01
CA ASP A 218 -19.70 -19.93 -5.18
C ASP A 218 -19.16 -19.17 -6.38
N GLY A 219 -19.58 -17.92 -6.54
CA GLY A 219 -19.13 -17.12 -7.67
C GLY A 219 -17.65 -16.86 -7.60
N VAL A 220 -17.18 -16.43 -6.43
CA VAL A 220 -15.76 -16.13 -6.21
C VAL A 220 -14.92 -17.34 -6.58
N LEU A 221 -15.30 -18.47 -5.98
CA LEU A 221 -14.62 -19.73 -6.20
C LEU A 221 -14.53 -20.03 -7.69
N ARG A 222 -15.65 -19.85 -8.37
CA ARG A 222 -15.69 -20.14 -9.78
C ARG A 222 -14.79 -19.27 -10.62
N ILE A 223 -14.86 -17.96 -10.44
CA ILE A 223 -14.01 -17.10 -11.25
C ILE A 223 -12.54 -17.33 -10.91
N LEU A 224 -12.25 -17.63 -9.64
CA LEU A 224 -10.88 -17.87 -9.25
C LEU A 224 -10.35 -19.07 -9.99
N LYS A 225 -11.19 -20.09 -10.14
CA LYS A 225 -10.77 -21.31 -10.86
C LYS A 225 -10.70 -21.12 -12.37
N GLU A 226 -11.22 -20.00 -12.87
CA GLU A 226 -11.20 -19.74 -14.30
C GLU A 226 -10.11 -18.76 -14.68
N ARG A 227 -9.95 -17.71 -13.89
CA ARG A 227 -8.95 -16.71 -14.19
C ARG A 227 -7.78 -16.76 -13.22
N PRO A 228 -6.71 -17.46 -13.61
CA PRO A 228 -5.51 -17.60 -12.78
C PRO A 228 -4.91 -16.25 -12.37
N GLN A 229 -5.00 -15.26 -13.25
CA GLN A 229 -4.47 -13.94 -12.98
C GLN A 229 -5.42 -13.14 -12.07
N PHE A 230 -6.66 -13.62 -11.94
CA PHE A 230 -7.61 -12.94 -11.09
C PHE A 230 -7.29 -13.26 -9.62
N ILE A 231 -7.20 -12.23 -8.80
CA ILE A 231 -6.85 -12.46 -7.42
C ILE A 231 -7.88 -11.97 -6.42
N PHE A 232 -8.14 -12.80 -5.43
CA PHE A 232 -9.08 -12.47 -4.39
C PHE A 232 -8.27 -12.32 -3.11
N ALA A 233 -8.24 -11.11 -2.57
CA ALA A 233 -7.51 -10.84 -1.33
C ALA A 233 -8.55 -10.41 -0.30
N SER A 234 -8.77 -11.22 0.72
CA SER A 234 -9.76 -10.88 1.71
C SER A 234 -9.35 -11.11 3.16
N ASP A 235 -9.85 -10.23 4.02
CA ASP A 235 -9.58 -10.32 5.44
C ASP A 235 -10.83 -10.87 6.10
N VAL A 236 -11.89 -11.06 5.34
CA VAL A 236 -13.14 -11.56 5.91
C VAL A 236 -13.64 -12.78 5.17
N TRP A 237 -14.27 -13.70 5.88
CA TRP A 237 -14.70 -14.92 5.21
C TRP A 237 -16.07 -15.44 5.54
N TRP A 238 -16.62 -16.25 4.65
CA TRP A 238 -17.95 -16.84 4.85
C TRP A 238 -17.92 -17.68 6.11
N GLY A 239 -16.79 -18.32 6.39
CA GLY A 239 -16.67 -19.13 7.57
C GLY A 239 -16.80 -18.30 8.83
N ARG A 240 -16.78 -16.98 8.69
CA ARG A 240 -16.92 -16.08 9.82
C ARG A 240 -16.27 -16.60 11.09
N ASN A 241 -14.96 -16.47 11.19
CA ASN A 241 -14.25 -16.92 12.39
C ASN A 241 -13.88 -18.41 12.45
N ASP A 242 -14.50 -19.22 11.61
CA ASP A 242 -14.13 -20.63 11.59
C ASP A 242 -12.89 -20.77 10.72
N PHE A 243 -12.96 -20.21 9.51
CA PHE A 243 -11.86 -20.22 8.54
C PHE A 243 -11.66 -21.58 7.92
N ALA A 244 -11.42 -22.57 8.76
CA ALA A 244 -11.24 -23.93 8.27
C ALA A 244 -12.23 -24.20 7.15
N LYS A 245 -13.45 -23.68 7.30
CA LYS A 245 -14.50 -23.88 6.31
C LYS A 245 -14.17 -23.31 4.94
N ASP A 246 -13.36 -22.26 4.90
CA ASP A 246 -12.98 -21.63 3.65
C ASP A 246 -11.57 -22.01 3.18
N ALA A 247 -11.05 -23.08 3.76
CA ALA A 247 -9.71 -23.57 3.42
C ALA A 247 -9.53 -23.82 1.94
N GLU A 248 -10.59 -24.19 1.24
CA GLU A 248 -10.44 -24.44 -0.18
C GLU A 248 -10.04 -23.19 -0.94
N PHE A 249 -10.20 -22.02 -0.32
CA PHE A 249 -9.81 -20.79 -0.97
C PHE A 249 -8.33 -20.57 -0.74
N PHE A 250 -7.90 -20.80 0.49
CA PHE A 250 -6.51 -20.59 0.87
C PHE A 250 -5.50 -21.43 0.08
N SER A 251 -5.96 -22.54 -0.48
CA SER A 251 -5.06 -23.40 -1.25
C SER A 251 -5.02 -23.00 -2.71
N LEU A 252 -5.77 -21.96 -3.07
CA LEU A 252 -5.74 -21.48 -4.44
C LEU A 252 -4.60 -20.48 -4.48
N PRO A 253 -3.70 -20.64 -5.45
CA PRO A 253 -2.57 -19.72 -5.54
C PRO A 253 -2.94 -18.27 -5.82
N ASN A 254 -4.13 -18.02 -6.35
CA ASN A 254 -4.52 -16.65 -6.61
C ASN A 254 -5.42 -16.06 -5.55
N VAL A 255 -5.19 -16.46 -4.30
CA VAL A 255 -5.95 -15.92 -3.18
C VAL A 255 -4.99 -15.44 -2.11
N VAL A 256 -5.30 -14.30 -1.49
CA VAL A 256 -4.48 -13.77 -0.41
C VAL A 256 -5.50 -13.71 0.71
N ALA A 257 -5.15 -14.27 1.85
CA ALA A 257 -6.09 -14.28 2.95
C ALA A 257 -5.51 -13.94 4.31
N THR A 258 -6.27 -13.15 5.06
CA THR A 258 -5.87 -12.75 6.40
C THR A 258 -7.07 -13.08 7.30
N PRO A 259 -6.78 -13.44 8.55
CA PRO A 259 -7.77 -13.82 9.57
C PRO A 259 -8.62 -12.75 10.21
N TRP A 260 -9.25 -11.91 9.39
CA TRP A 260 -10.13 -10.89 9.94
C TRP A 260 -9.38 -10.06 10.98
N VAL A 261 -8.25 -9.48 10.57
CA VAL A 261 -7.44 -8.68 11.48
C VAL A 261 -7.25 -7.23 11.05
N ALA A 262 -8.03 -6.76 10.09
CA ALA A 262 -7.93 -5.40 9.62
C ALA A 262 -8.40 -4.47 10.73
N GLY A 263 -7.62 -4.32 11.79
CA GLY A 263 -8.05 -3.46 12.87
C GLY A 263 -9.20 -4.08 13.64
N GLY A 264 -9.20 -3.91 14.95
CA GLY A 264 -10.24 -4.49 15.78
C GLY A 264 -9.64 -5.71 16.45
N TYR A 265 -9.85 -6.88 15.85
CA TYR A 265 -9.30 -8.10 16.40
C TYR A 265 -7.81 -8.21 16.04
N GLY A 266 -7.29 -7.23 15.31
CA GLY A 266 -5.89 -7.28 14.91
C GLY A 266 -4.97 -6.31 15.62
N ASN A 267 -5.55 -5.31 16.28
CA ASN A 267 -4.76 -4.31 16.99
C ASN A 267 -5.47 -3.88 18.27
N GLU A 268 -4.77 -4.07 19.39
CA GLU A 268 -5.26 -3.71 20.71
C GLU A 268 -5.67 -2.25 20.78
N ARG A 269 -4.78 -1.35 20.36
CA ARG A 269 -5.07 0.08 20.38
C ARG A 269 -6.41 0.35 19.69
N VAL A 270 -6.54 -0.16 18.47
CA VAL A 270 -7.77 0.03 17.71
C VAL A 270 -9.00 -0.48 18.50
N TRP A 271 -8.86 -1.60 19.19
CA TRP A 271 -9.97 -2.14 19.97
C TRP A 271 -10.35 -1.17 21.07
N ARG A 272 -9.37 -0.74 21.85
CA ARG A 272 -9.63 0.19 22.95
C ARG A 272 -10.35 1.41 22.42
N GLN A 273 -9.86 1.93 21.30
CA GLN A 273 -10.46 3.12 20.72
C GLN A 273 -11.92 2.86 20.34
N MSE A 274 -12.20 1.74 19.68
CA MSE A 274 -13.56 1.40 19.30
C MSE A 274 -14.42 1.44 20.57
O MSE A 274 -15.52 1.98 20.57
CB MSE A 274 -13.61 0.03 18.67
CG MSE A 274 -13.09 -0.02 17.25
SE MSE A 274 -12.83 -1.74 16.69
CE MSE A 274 -14.54 -2.38 16.50
N VAL A 275 -13.90 0.88 21.65
CA VAL A 275 -14.66 0.88 22.90
C VAL A 275 -14.84 2.28 23.47
N MSE A 276 -13.81 3.12 23.40
CA MSE A 276 -14.00 4.45 23.93
C MSE A 276 -15.05 5.21 23.13
O MSE A 276 -15.91 5.88 23.69
CB MSE A 276 -12.68 5.21 23.99
CG MSE A 276 -11.87 4.88 25.24
SE MSE A 276 -12.85 4.87 26.80
CE MSE A 276 -13.73 6.45 26.69
N GLU A 277 -15.00 5.03 21.81
CA GLU A 277 -15.97 5.72 20.97
C GLU A 277 -17.38 5.21 21.21
N ALA A 278 -17.50 3.92 21.52
CA ALA A 278 -18.81 3.34 21.78
C ALA A 278 -19.32 3.92 23.09
N VAL A 279 -18.40 4.05 24.05
CA VAL A 279 -18.76 4.59 25.35
C VAL A 279 -19.15 6.04 25.21
N ARG A 280 -18.55 6.74 24.25
CA ARG A 280 -18.90 8.15 24.08
C ARG A 280 -20.28 8.31 23.47
N ASN A 281 -20.64 7.41 22.57
CA ASN A 281 -21.93 7.50 21.90
C ASN A 281 -23.05 7.15 22.86
N LEU A 282 -22.76 6.21 23.74
CA LEU A 282 -23.72 5.73 24.69
C LEU A 282 -24.03 6.84 25.68
N ILE A 283 -23.00 7.60 26.06
CA ILE A 283 -23.16 8.68 27.01
C ILE A 283 -23.99 9.82 26.44
N THR A 284 -23.81 10.12 25.15
CA THR A 284 -24.62 11.20 24.56
C THR A 284 -26.06 10.72 24.52
N TYR A 285 -26.24 9.41 24.40
CA TYR A 285 -27.59 8.89 24.42
C TYR A 285 -28.10 9.12 25.84
N ALA A 286 -27.28 8.72 26.81
CA ALA A 286 -27.63 8.86 28.23
C ALA A 286 -27.96 10.30 28.62
N THR A 287 -27.19 11.25 28.12
CA THR A 287 -27.42 12.63 28.45
C THR A 287 -28.48 13.32 27.59
N GLY A 288 -29.24 12.52 26.83
CA GLY A 288 -30.30 13.07 26.02
C GLY A 288 -29.96 13.66 24.66
N GLY A 289 -28.82 13.28 24.10
CA GLY A 289 -28.44 13.79 22.79
C GLY A 289 -28.68 12.72 21.74
N ARG A 290 -28.46 13.05 20.47
CA ARG A 290 -28.66 12.09 19.40
C ARG A 290 -27.43 11.21 19.18
N PRO A 291 -27.54 9.92 19.48
CA PRO A 291 -26.44 8.97 19.32
C PRO A 291 -26.19 8.74 17.85
N ARG A 292 -24.92 8.55 17.47
CA ARG A 292 -24.60 8.30 16.08
C ARG A 292 -24.80 6.83 15.70
N ASN A 293 -24.90 6.57 14.40
CA ASN A 293 -25.04 5.22 13.92
C ASN A 293 -26.27 4.45 14.32
N ILE A 294 -27.40 5.14 14.43
CA ILE A 294 -28.64 4.45 14.80
C ILE A 294 -28.96 3.51 13.63
N ALA A 295 -29.17 2.24 13.93
CA ALA A 295 -29.50 1.28 12.89
C ALA A 295 -30.93 1.42 12.39
N LYS A 296 -31.10 1.20 11.10
CA LYS A 296 -32.41 1.24 10.47
C LYS A 296 -32.80 -0.25 10.42
N ARG A 297 -33.64 -0.66 11.35
CA ARG A 297 -34.07 -2.06 11.46
C ARG A 297 -34.41 -2.79 10.16
N GLU A 298 -35.23 -2.21 9.30
CA GLU A 298 -35.59 -2.92 8.07
C GLU A 298 -34.41 -3.30 7.18
N ASP A 299 -33.26 -2.66 7.36
CA ASP A 299 -32.08 -3.01 6.58
C ASP A 299 -31.70 -4.44 6.90
N TYR A 300 -32.12 -4.92 8.07
CA TYR A 300 -31.82 -6.28 8.47
C TYR A 300 -33.11 -7.06 8.65
N ILE A 301 -34.23 -6.34 8.63
CA ILE A 301 -35.55 -6.94 8.80
C ILE A 301 -35.74 -7.54 10.19
N GLY A 302 -35.09 -8.55 10.52
N MSE B 1 25.07 17.83 -34.56
CA MSE B 1 24.49 17.10 -33.39
C MSE B 1 23.91 15.77 -33.81
O MSE B 1 22.94 15.29 -33.22
CB MSE B 1 23.41 17.94 -32.71
CG MSE B 1 23.96 19.03 -31.84
SE MSE B 1 24.98 18.34 -30.51
CE MSE B 1 24.05 18.87 -29.08
N GLU B 2 24.50 15.16 -34.83
CA GLU B 2 24.05 13.86 -35.31
C GLU B 2 23.78 12.99 -34.09
N LEU B 3 22.73 12.18 -34.15
CA LEU B 3 22.37 11.34 -33.00
C LEU B 3 22.81 9.87 -32.95
N TYR B 4 23.37 9.48 -31.81
CA TYR B 4 23.83 8.11 -31.57
C TYR B 4 22.93 7.38 -30.55
N VAL B 5 22.33 6.27 -30.98
CA VAL B 5 21.44 5.49 -30.11
C VAL B 5 22.09 4.19 -29.65
N ASN B 6 22.43 4.16 -28.36
CA ASN B 6 23.07 3.01 -27.73
C ASN B 6 22.20 1.77 -27.60
N PHE B 7 20.89 1.93 -27.79
CA PHE B 7 19.95 0.80 -27.68
C PHE B 7 18.77 0.92 -28.65
N GLU B 8 17.68 0.22 -28.35
CA GLU B 8 16.51 0.26 -29.23
C GLU B 8 15.49 1.33 -28.83
N LEU B 9 15.25 2.27 -29.74
CA LEU B 9 14.28 3.31 -29.50
C LEU B 9 12.98 2.92 -30.18
N PRO B 10 11.89 2.83 -29.40
CA PRO B 10 10.59 2.45 -29.99
C PRO B 10 10.17 3.41 -31.10
N PRO B 11 9.05 3.13 -31.77
CA PRO B 11 8.55 3.99 -32.84
C PRO B 11 8.62 5.49 -32.53
N GLU B 12 7.60 6.01 -31.86
CA GLU B 12 7.55 7.43 -31.51
C GLU B 12 8.91 7.88 -30.99
N ALA B 13 9.50 7.07 -30.12
CA ALA B 13 10.81 7.39 -29.55
C ALA B 13 11.81 7.68 -30.66
N GLU B 14 11.60 7.03 -31.81
CA GLU B 14 12.47 7.20 -32.97
C GLU B 14 11.90 8.23 -33.94
N GLU B 15 10.66 8.02 -34.34
CA GLU B 15 9.96 8.90 -35.27
C GLU B 15 9.66 10.27 -34.65
N GLU B 16 10.46 10.64 -33.65
CA GLU B 16 10.33 11.91 -32.94
C GLU B 16 11.76 12.36 -32.68
N LEU B 17 12.69 11.53 -33.15
CA LEU B 17 14.11 11.83 -33.01
C LEU B 17 14.64 12.01 -34.42
N ARG B 18 13.73 11.93 -35.39
CA ARG B 18 14.09 12.09 -36.78
C ARG B 18 13.70 13.50 -37.19
N LYS B 19 12.69 14.05 -36.51
CA LYS B 19 12.25 15.41 -36.79
C LYS B 19 13.48 16.27 -36.48
N TYR B 20 14.47 15.59 -35.92
CA TYR B 20 15.76 16.16 -35.57
C TYR B 20 16.77 15.04 -35.87
N PHE B 21 18.06 15.37 -35.75
CA PHE B 21 19.21 14.47 -35.92
C PHE B 21 19.34 13.23 -36.84
N LYS B 22 20.61 12.81 -36.92
CA LYS B 22 21.15 11.72 -37.74
C LYS B 22 20.83 10.23 -37.53
N ILE B 23 20.96 9.74 -36.30
CA ILE B 23 20.75 8.31 -36.01
C ILE B 23 22.05 7.60 -36.37
N VAL B 24 22.72 6.97 -35.41
CA VAL B 24 23.98 6.27 -35.71
C VAL B 24 24.34 5.12 -34.77
N ARG B 25 24.05 3.89 -35.19
CA ARG B 25 24.38 2.74 -34.36
C ARG B 25 25.44 1.88 -35.04
N GLY B 26 25.96 2.35 -36.16
CA GLY B 26 26.98 1.60 -36.88
C GLY B 26 28.08 2.52 -37.38
N GLY B 27 29.16 1.91 -37.86
CA GLY B 27 30.29 2.68 -38.37
C GLY B 27 30.80 3.75 -37.43
N ASP B 28 31.78 4.52 -37.89
CA ASP B 28 32.37 5.57 -37.07
C ASP B 28 31.28 6.58 -36.71
N LEU B 29 31.57 7.43 -35.73
CA LEU B 29 30.59 8.41 -35.28
C LEU B 29 31.00 9.86 -35.44
N GLY B 30 32.27 10.16 -35.18
CA GLY B 30 32.77 11.53 -35.30
C GLY B 30 31.77 12.51 -35.88
N ASN B 31 31.40 13.51 -35.08
CA ASN B 31 30.43 14.56 -35.46
C ASN B 31 29.03 14.20 -34.97
N VAL B 32 28.96 13.64 -33.76
CA VAL B 32 27.69 13.23 -33.18
C VAL B 32 27.27 14.25 -32.12
N GLU B 33 27.90 14.16 -30.95
CA GLU B 33 27.60 15.05 -29.82
C GLU B 33 26.25 14.70 -29.21
N ALA B 34 25.61 13.68 -29.76
CA ALA B 34 24.30 13.21 -29.31
C ALA B 34 24.30 12.73 -27.85
N ALA B 35 23.54 11.69 -27.59
CA ALA B 35 23.44 11.12 -26.25
C ALA B 35 22.52 9.90 -26.25
N LEU B 36 21.39 10.03 -25.55
CA LEU B 36 20.39 8.96 -25.44
C LEU B 36 21.05 7.59 -25.30
N VAL B 37 21.29 7.20 -24.05
CA VAL B 37 21.93 5.92 -23.73
C VAL B 37 21.38 5.40 -22.40
N SER B 38 21.78 4.19 -22.02
CA SER B 38 21.35 3.60 -20.76
C SER B 38 22.61 3.43 -19.92
N ARG B 39 23.67 2.97 -20.59
CA ARG B 39 24.97 2.78 -19.97
C ARG B 39 25.99 3.25 -21.01
N ILE B 40 27.25 3.37 -20.60
CA ILE B 40 28.29 3.81 -21.53
C ILE B 40 29.66 3.29 -21.12
N THR B 41 30.36 2.70 -22.08
CA THR B 41 31.69 2.16 -21.85
C THR B 41 32.70 3.23 -22.23
N ALA B 42 33.79 3.34 -21.46
CA ALA B 42 34.83 4.32 -21.74
C ALA B 42 35.16 4.24 -23.23
N GLU B 43 35.04 3.03 -23.75
CA GLU B 43 35.30 2.72 -25.14
C GLU B 43 34.42 3.59 -26.06
N GLU B 44 33.11 3.35 -26.02
CA GLU B 44 32.16 4.08 -26.84
C GLU B 44 32.43 5.59 -26.81
N LEU B 45 33.03 6.05 -25.71
CA LEU B 45 33.33 7.47 -25.55
C LEU B 45 34.46 7.92 -26.46
N ALA B 46 35.64 7.32 -26.28
CA ALA B 46 36.80 7.66 -27.10
C ALA B 46 36.53 7.47 -28.59
N LYS B 47 35.50 6.68 -28.90
CA LYS B 47 35.13 6.42 -30.29
C LYS B 47 34.00 7.32 -30.77
N MSE B 48 33.92 8.51 -30.17
CA MSE B 48 32.92 9.51 -30.53
C MSE B 48 33.55 10.89 -30.41
O MSE B 48 33.27 11.64 -29.47
CB MSE B 48 31.69 9.42 -29.62
CG MSE B 48 30.57 8.57 -30.20
SE MSE B 48 29.04 8.61 -29.25
CE MSE B 48 29.36 7.29 -28.08
N PRO B 49 34.42 11.24 -31.37
CA PRO B 49 35.12 12.52 -31.41
C PRO B 49 34.22 13.69 -30.99
N ARG B 50 34.71 14.49 -30.05
CA ARG B 50 33.97 15.65 -29.56
C ARG B 50 32.48 15.38 -29.38
N LEU B 51 32.07 15.17 -28.13
CA LEU B 51 30.67 14.93 -27.82
C LEU B 51 30.16 16.15 -27.06
N LYS B 52 28.94 16.58 -27.36
CA LYS B 52 28.38 17.76 -26.70
C LYS B 52 28.03 17.41 -25.25
N PHE B 53 26.98 16.61 -25.06
CA PHE B 53 26.58 16.18 -23.72
C PHE B 53 26.19 14.71 -23.77
N ILE B 54 25.58 14.22 -22.70
CA ILE B 54 25.15 12.82 -22.65
C ILE B 54 23.81 12.70 -21.92
N GLN B 55 22.86 11.98 -22.53
CA GLN B 55 21.54 11.79 -21.91
C GLN B 55 21.24 10.34 -21.58
N VAL B 56 21.31 10.01 -20.28
CA VAL B 56 21.01 8.66 -19.83
C VAL B 56 19.50 8.53 -19.65
N VAL B 57 18.93 7.43 -20.11
CA VAL B 57 17.49 7.22 -19.99
C VAL B 57 17.13 6.76 -18.59
N THR B 58 18.15 6.38 -17.82
CA THR B 58 17.95 5.92 -16.45
C THR B 58 17.57 7.15 -15.65
N ALA B 59 17.78 7.06 -14.33
CA ALA B 59 17.47 8.17 -13.46
C ALA B 59 18.65 8.35 -12.52
N GLY B 60 19.57 7.38 -12.55
CA GLY B 60 20.75 7.43 -11.72
C GLY B 60 21.97 7.69 -12.58
N LEU B 61 23.10 7.97 -11.96
CA LEU B 61 24.32 8.25 -12.72
C LEU B 61 25.56 7.57 -12.16
N ASP B 62 25.43 6.96 -10.98
CA ASP B 62 26.54 6.29 -10.33
C ASP B 62 27.25 5.21 -11.15
N HIS B 63 26.56 4.65 -12.14
CA HIS B 63 27.19 3.61 -12.95
C HIS B 63 28.15 4.17 -13.99
N LEU B 64 27.75 5.22 -14.69
CA LEU B 64 28.58 5.85 -15.72
C LEU B 64 30.05 5.89 -15.31
N PRO B 65 30.96 5.61 -16.27
CA PRO B 65 32.43 5.56 -16.18
C PRO B 65 33.12 6.63 -15.32
N TRP B 66 32.77 7.89 -15.55
CA TRP B 66 33.33 9.04 -14.82
C TRP B 66 34.78 9.39 -15.15
N GLU B 67 35.74 8.58 -14.68
CA GLU B 67 37.13 8.89 -14.98
C GLU B 67 37.25 9.14 -16.49
N SER B 68 36.70 8.23 -17.28
CA SER B 68 36.72 8.37 -18.74
C SER B 68 35.69 9.41 -19.16
N ILE B 69 35.82 10.62 -18.62
CA ILE B 69 34.87 11.69 -18.92
C ILE B 69 35.46 13.11 -18.98
N PRO B 70 34.98 13.91 -19.96
CA PRO B 70 35.36 15.30 -20.24
C PRO B 70 34.68 16.28 -19.28
N PRO B 71 35.43 16.83 -18.30
CA PRO B 71 34.91 17.77 -17.32
C PRO B 71 34.12 18.94 -17.89
N HIS B 72 33.61 18.77 -19.10
CA HIS B 72 32.81 19.82 -19.73
C HIS B 72 31.48 19.33 -20.29
N VAL B 73 31.54 18.26 -21.09
CA VAL B 73 30.37 17.68 -21.76
C VAL B 73 29.04 17.69 -20.99
N THR B 74 29.09 17.50 -19.67
CA THR B 74 27.92 17.48 -18.78
C THR B 74 26.91 16.37 -19.11
N VAL B 75 26.17 15.94 -18.08
CA VAL B 75 25.19 14.86 -18.26
C VAL B 75 23.75 15.25 -17.90
N ALA B 76 22.82 14.94 -18.80
CA ALA B 76 21.39 15.23 -18.61
C ALA B 76 20.56 13.93 -18.54
N GLY B 77 20.29 13.47 -17.32
CA GLY B 77 19.55 12.24 -17.13
C GLY B 77 18.07 12.42 -16.86
N ASN B 78 17.39 11.32 -16.53
CA ASN B 78 15.97 11.37 -16.26
C ASN B 78 15.80 11.50 -14.75
N ALA B 79 14.57 11.33 -14.29
CA ALA B 79 14.22 11.42 -12.88
C ALA B 79 12.81 11.98 -12.87
N GLY B 80 11.90 11.28 -12.21
CA GLY B 80 10.53 11.75 -12.19
C GLY B 80 9.87 11.19 -13.43
N SER B 81 10.70 10.59 -14.27
CA SER B 81 10.23 9.97 -15.50
C SER B 81 9.47 8.71 -15.08
N ASN B 82 9.84 8.20 -13.92
CA ASN B 82 9.25 6.99 -13.38
C ASN B 82 8.87 7.19 -11.91
N ALA B 83 8.83 8.45 -11.49
CA ALA B 83 8.51 8.80 -10.11
C ALA B 83 7.24 8.13 -9.59
N ASP B 84 6.16 8.25 -10.35
CA ASP B 84 4.90 7.66 -9.95
C ASP B 84 5.02 6.16 -9.77
N ALA B 85 5.42 5.46 -10.82
CA ALA B 85 5.55 4.00 -10.77
C ALA B 85 6.36 3.52 -9.58
N VAL B 86 7.58 4.01 -9.44
CA VAL B 86 8.42 3.62 -8.33
C VAL B 86 7.78 4.02 -7.01
N ALA B 87 7.04 5.12 -7.03
CA ALA B 87 6.38 5.60 -5.83
C ALA B 87 5.42 4.55 -5.29
N GLU B 88 4.43 4.20 -6.10
CA GLU B 88 3.47 3.21 -5.66
C GLU B 88 4.12 1.87 -5.33
N PHE B 89 5.23 1.55 -5.98
CA PHE B 89 5.91 0.29 -5.70
C PHE B 89 6.49 0.32 -4.29
N ALA B 90 7.02 1.46 -3.87
CA ALA B 90 7.59 1.53 -2.52
C ALA B 90 6.49 1.41 -1.47
N LEU B 91 5.32 1.97 -1.75
CA LEU B 91 4.23 1.88 -0.79
C LEU B 91 3.85 0.43 -0.62
N ALA B 92 3.74 -0.30 -1.73
CA ALA B 92 3.39 -1.72 -1.68
C ALA B 92 4.49 -2.45 -0.94
N LEU B 93 5.72 -2.12 -1.27
CA LEU B 93 6.86 -2.75 -0.64
C LEU B 93 6.82 -2.52 0.87
N LEU B 94 6.20 -1.42 1.29
CA LEU B 94 6.12 -1.11 2.71
C LEU B 94 4.92 -1.75 3.36
N LEU B 95 3.73 -1.52 2.82
CA LEU B 95 2.54 -2.08 3.42
C LEU B 95 2.45 -3.62 3.44
N ALA B 96 2.98 -4.28 2.42
CA ALA B 96 2.91 -5.74 2.36
C ALA B 96 3.43 -6.36 3.65
N PRO B 97 4.66 -6.02 4.04
CA PRO B 97 5.21 -6.58 5.27
C PRO B 97 4.74 -5.80 6.49
N TYR B 98 4.55 -4.50 6.34
CA TYR B 98 4.13 -3.67 7.47
C TYR B 98 2.77 -4.08 8.03
N LYS B 99 1.74 -4.12 7.19
CA LYS B 99 0.43 -4.51 7.69
C LYS B 99 0.35 -6.02 7.86
N ARG B 100 1.52 -6.66 7.79
CA ARG B 100 1.65 -8.11 7.96
C ARG B 100 0.82 -8.93 6.97
N ILE B 101 0.60 -8.41 5.78
CA ILE B 101 -0.18 -9.13 4.78
C ILE B 101 0.55 -10.42 4.37
N ILE B 102 1.82 -10.28 3.98
CA ILE B 102 2.58 -11.44 3.54
C ILE B 102 2.64 -12.50 4.61
N GLN B 103 2.96 -12.09 5.84
CA GLN B 103 3.07 -13.00 6.98
C GLN B 103 1.77 -13.77 7.24
N TYR B 104 0.67 -13.05 7.45
CA TYR B 104 -0.60 -13.73 7.69
C TYR B 104 -1.05 -14.59 6.52
N GLY B 105 -0.77 -14.16 5.30
CA GLY B 105 -1.16 -14.95 4.15
C GLY B 105 -0.48 -16.30 4.22
N GLU B 106 0.75 -16.32 4.74
CA GLU B 106 1.48 -17.56 4.86
C GLU B 106 0.83 -18.43 5.92
N LYS B 107 0.55 -17.85 7.08
CA LYS B 107 -0.06 -18.58 8.17
C LYS B 107 -1.37 -19.19 7.73
N MSE B 108 -2.15 -18.46 6.93
CA MSE B 108 -3.43 -18.97 6.45
C MSE B 108 -3.20 -20.19 5.59
O MSE B 108 -3.85 -21.23 5.74
CB MSE B 108 -4.17 -17.93 5.62
CG MSE B 108 -4.64 -16.73 6.41
SE MSE B 108 -5.80 -17.15 7.72
CE MSE B 108 -7.39 -17.01 6.83
N LYS B 109 -2.25 -20.08 4.67
CA LYS B 109 -1.94 -21.18 3.77
C LYS B 109 -1.53 -22.45 4.52
N ARG B 110 -0.80 -22.30 5.60
CA ARG B 110 -0.30 -23.44 6.37
C ARG B 110 -1.33 -24.00 7.32
N GLY B 111 -2.50 -23.37 7.38
CA GLY B 111 -3.54 -23.85 8.28
C GLY B 111 -3.60 -23.10 9.60
N ASP B 112 -2.61 -22.27 9.85
CA ASP B 112 -2.55 -21.51 11.10
C ASP B 112 -3.56 -20.36 10.99
N TYR B 113 -4.59 -20.38 11.83
CA TYR B 113 -5.60 -19.32 11.79
C TYR B 113 -5.57 -18.45 13.04
N GLY B 114 -4.46 -18.44 13.75
CA GLY B 114 -4.40 -17.63 14.95
C GLY B 114 -4.19 -16.19 14.59
N ARG B 115 -4.54 -15.30 15.53
CA ARG B 115 -4.37 -13.87 15.35
C ARG B 115 -3.37 -13.45 16.41
N ASP B 116 -2.24 -14.15 16.47
CA ASP B 116 -1.23 -13.85 17.45
C ASP B 116 -0.27 -12.72 17.11
N VAL B 117 -0.33 -12.24 15.86
CA VAL B 117 0.55 -11.15 15.43
C VAL B 117 -0.26 -9.87 15.38
N GLU B 118 0.22 -8.83 16.06
CA GLU B 118 -0.50 -7.56 16.05
C GLU B 118 -0.20 -6.80 14.78
N ILE B 119 -1.24 -6.16 14.23
CA ILE B 119 -1.10 -5.37 13.00
C ILE B 119 -0.74 -3.94 13.34
N PRO B 120 0.45 -3.49 12.94
CA PRO B 120 0.88 -2.11 13.23
C PRO B 120 0.03 -1.11 12.46
N LEU B 121 -0.07 0.10 13.00
CA LEU B 121 -0.83 1.15 12.32
C LEU B 121 0.16 2.10 11.71
N ILE B 122 -0.26 2.79 10.66
CA ILE B 122 0.61 3.76 10.04
C ILE B 122 0.29 5.09 10.69
N GLN B 123 -0.99 5.32 10.92
CA GLN B 123 -1.46 6.55 11.56
C GLN B 123 -0.66 6.81 12.84
N GLY B 124 -0.22 8.06 12.99
CA GLY B 124 0.53 8.46 14.16
C GLY B 124 1.87 7.77 14.32
N GLU B 125 2.39 7.20 13.23
CA GLU B 125 3.66 6.51 13.36
C GLU B 125 4.82 7.30 12.78
N LYS B 126 6.00 7.13 13.39
CA LYS B 126 7.17 7.84 12.91
C LYS B 126 7.75 7.09 11.74
N VAL B 127 7.68 7.72 10.57
CA VAL B 127 8.21 7.12 9.36
C VAL B 127 9.24 8.01 8.68
N ALA B 128 10.42 7.45 8.40
CA ALA B 128 11.47 8.21 7.75
C ALA B 128 11.32 8.09 6.23
N VAL B 129 11.92 9.02 5.52
CA VAL B 129 11.88 9.01 4.06
C VAL B 129 13.15 9.63 3.55
N LEU B 130 14.21 8.82 3.49
CA LEU B 130 15.52 9.28 3.04
C LEU B 130 15.50 9.61 1.56
N GLY B 131 15.82 10.86 1.24
CA GLY B 131 15.80 11.30 -0.14
C GLY B 131 14.47 11.94 -0.43
N LEU B 132 14.48 13.22 -0.75
CA LEU B 132 13.22 13.91 -1.02
C LEU B 132 13.05 14.30 -2.48
N GLY B 133 11.83 14.66 -2.85
CA GLY B 133 11.58 15.05 -4.22
C GLY B 133 11.49 13.91 -5.22
N GLU B 134 10.46 14.00 -6.07
CA GLU B 134 10.16 13.05 -7.14
C GLU B 134 9.55 11.80 -6.57
N ILE B 135 10.42 10.88 -6.12
CA ILE B 135 9.97 9.63 -5.52
C ILE B 135 9.74 9.91 -4.04
N GLY B 136 10.83 10.24 -3.36
CA GLY B 136 10.76 10.52 -1.94
C GLY B 136 9.53 11.32 -1.57
N THR B 137 9.33 12.42 -2.27
CA THR B 137 8.21 13.31 -2.04
C THR B 137 6.83 12.69 -2.23
N ARG B 138 6.64 11.93 -3.30
CA ARG B 138 5.33 11.31 -3.52
C ARG B 138 5.04 10.34 -2.39
N VAL B 139 6.07 9.60 -1.99
CA VAL B 139 5.91 8.64 -0.91
C VAL B 139 5.53 9.44 0.33
N GLY B 140 6.40 10.39 0.69
CA GLY B 140 6.17 11.22 1.85
C GLY B 140 4.76 11.77 1.90
N LYS B 141 4.27 12.30 0.78
CA LYS B 141 2.93 12.85 0.69
C LYS B 141 1.87 11.84 1.10
N ILE B 142 1.97 10.63 0.54
CA ILE B 142 1.01 9.58 0.84
C ILE B 142 1.06 9.09 2.28
N LEU B 143 2.27 8.85 2.77
CA LEU B 143 2.41 8.40 4.14
C LEU B 143 1.70 9.41 5.04
N ALA B 144 2.08 10.67 4.89
CA ALA B 144 1.48 11.75 5.68
C ALA B 144 -0.03 11.73 5.55
N ALA B 145 -0.52 11.60 4.32
CA ALA B 145 -1.96 11.55 4.09
C ALA B 145 -2.59 10.34 4.77
N LEU B 146 -1.76 9.40 5.22
CA LEU B 146 -2.28 8.23 5.89
C LEU B 146 -2.19 8.40 7.39
N GLY B 147 -1.72 9.58 7.79
CA GLY B 147 -1.61 9.89 9.20
C GLY B 147 -0.25 9.59 9.82
N ALA B 148 0.78 9.45 9.00
CA ALA B 148 2.09 9.15 9.54
C ALA B 148 2.88 10.39 9.91
N GLN B 149 3.69 10.29 10.96
CA GLN B 149 4.54 11.40 11.36
C GLN B 149 5.78 11.28 10.50
N VAL B 150 5.65 11.63 9.22
CA VAL B 150 6.77 11.53 8.29
C VAL B 150 7.92 12.44 8.64
N ARG B 151 9.13 11.91 8.62
CA ARG B 151 10.31 12.71 8.91
C ARG B 151 11.16 12.65 7.64
N GLY B 152 10.98 13.61 6.73
CA GLY B 152 11.73 13.64 5.49
C GLY B 152 13.18 14.10 5.60
N PHE B 153 14.08 13.31 5.03
CA PHE B 153 15.50 13.62 5.03
C PHE B 153 15.92 14.02 3.62
N SER B 154 17.00 14.81 3.51
CA SER B 154 17.49 15.27 2.22
C SER B 154 18.68 16.20 2.38
N ARG B 155 19.40 16.43 1.30
CA ARG B 155 20.57 17.31 1.33
C ARG B 155 20.12 18.77 1.41
N THR B 156 19.49 19.26 0.36
CA THR B 156 18.98 20.61 0.33
C THR B 156 17.60 20.58 0.99
N PRO B 157 17.40 21.41 2.04
CA PRO B 157 16.12 21.47 2.75
C PRO B 157 14.93 21.69 1.83
N LYS B 158 13.99 22.52 2.28
CA LYS B 158 12.81 22.83 1.47
C LYS B 158 11.95 21.59 1.23
N GLU B 159 10.75 21.57 1.81
CA GLU B 159 9.86 20.42 1.64
C GLU B 159 8.37 20.72 1.81
N GLY B 160 7.65 19.76 2.40
CA GLY B 160 6.22 19.91 2.62
C GLY B 160 5.73 19.15 3.84
N PRO B 161 4.74 18.24 3.68
CA PRO B 161 4.11 17.40 4.72
C PRO B 161 5.04 16.58 5.63
N TRP B 162 6.05 17.20 6.23
CA TRP B 162 6.97 16.46 7.10
C TRP B 162 8.02 17.31 7.83
N ARG B 163 8.62 16.72 8.86
CA ARG B 163 9.61 17.42 9.64
C ARG B 163 11.03 17.35 9.09
N PHE B 164 11.27 17.86 7.88
CA PHE B 164 12.62 17.82 7.28
C PHE B 164 13.84 17.79 8.22
N THR B 165 14.86 17.03 7.83
CA THR B 165 16.11 16.92 8.59
C THR B 165 17.31 16.91 7.65
N ASN B 166 18.50 17.05 8.21
CA ASN B 166 19.75 17.03 7.44
C ASN B 166 20.63 15.94 8.03
N SER B 167 20.01 15.09 8.83
CA SER B 167 20.69 13.96 9.49
C SER B 167 19.89 12.69 9.26
N LEU B 168 20.42 11.77 8.46
CA LEU B 168 19.75 10.52 8.20
C LEU B 168 19.38 9.91 9.54
N GLU B 169 20.33 9.99 10.49
CA GLU B 169 20.14 9.45 11.84
C GLU B 169 18.82 9.93 12.42
N GLU B 170 18.72 11.24 12.61
CA GLU B 170 17.50 11.80 13.17
C GLU B 170 16.44 11.80 12.08
N ALA B 171 15.78 10.66 11.95
CA ALA B 171 14.71 10.41 10.98
C ALA B 171 14.45 8.94 11.15
N LEU B 172 15.51 8.22 11.49
CA LEU B 172 15.44 6.80 11.73
C LEU B 172 15.22 6.54 13.23
N ARG B 173 15.56 7.53 14.05
CA ARG B 173 15.40 7.43 15.51
C ARG B 173 14.02 6.90 15.89
N GLU B 174 13.99 5.73 16.51
CA GLU B 174 12.73 5.13 16.93
C GLU B 174 11.69 5.14 15.81
N ALA B 175 12.14 5.19 14.57
CA ALA B 175 11.21 5.20 13.45
C ALA B 175 10.70 3.77 13.30
N ARG B 176 9.43 3.64 12.94
CA ARG B 176 8.84 2.32 12.75
C ARG B 176 8.97 1.85 11.29
N ALA B 177 9.44 2.74 10.43
CA ALA B 177 9.65 2.43 9.02
C ALA B 177 10.40 3.54 8.31
N ALA B 178 10.95 3.17 7.16
CA ALA B 178 11.70 4.10 6.35
C ALA B 178 11.59 3.65 4.90
N VAL B 179 11.42 4.60 4.01
CA VAL B 179 11.34 4.31 2.59
C VAL B 179 12.51 5.07 2.03
N CYS B 180 13.56 4.35 1.66
CA CYS B 180 14.75 4.97 1.10
C CYS B 180 14.71 5.09 -0.40
N ALA B 181 15.05 6.26 -0.89
CA ALA B 181 15.06 6.54 -2.33
C ALA B 181 16.15 7.54 -2.68
N LEU B 182 17.28 7.44 -1.99
CA LEU B 182 18.42 8.31 -2.23
C LEU B 182 19.13 7.94 -3.51
N PRO B 183 19.70 8.93 -4.21
CA PRO B 183 20.42 8.62 -5.45
C PRO B 183 21.83 8.21 -4.97
N LEU B 184 22.56 7.43 -5.76
CA LEU B 184 23.89 7.06 -5.28
C LEU B 184 25.05 7.87 -5.85
N ASN B 185 25.65 8.68 -4.99
CA ASN B 185 26.81 9.48 -5.36
C ASN B 185 27.87 9.23 -4.31
N LYS B 186 28.93 10.03 -4.29
CA LYS B 186 30.01 9.83 -3.33
C LYS B 186 29.60 10.18 -1.91
N HIS B 187 28.53 10.94 -1.78
CA HIS B 187 28.03 11.35 -0.47
C HIS B 187 27.00 10.38 0.08
N THR B 188 26.41 9.57 -0.80
CA THR B 188 25.40 8.61 -0.38
C THR B 188 25.94 7.19 -0.18
N ARG B 189 27.09 6.87 -0.75
CA ARG B 189 27.67 5.53 -0.57
C ARG B 189 27.64 5.19 0.92
N GLY B 190 27.60 3.91 1.26
CA GLY B 190 27.57 3.48 2.67
C GLY B 190 27.11 4.49 3.70
N LEU B 191 26.15 5.34 3.32
CA LEU B 191 25.63 6.36 4.21
C LEU B 191 24.91 5.77 5.43
N VAL B 192 23.87 4.98 5.17
CA VAL B 192 23.13 4.36 6.24
C VAL B 192 23.93 3.16 6.69
N LYS B 193 24.20 3.10 7.99
CA LYS B 193 25.01 2.02 8.54
C LYS B 193 24.32 1.33 9.72
N TYR B 194 24.80 0.14 10.06
CA TYR B 194 24.24 -0.64 11.15
C TYR B 194 23.79 0.25 12.30
N GLN B 195 24.72 1.03 12.82
CA GLN B 195 24.44 1.93 13.93
C GLN B 195 23.20 2.78 13.70
N HIS B 196 23.05 3.29 12.48
CA HIS B 196 21.91 4.11 12.11
C HIS B 196 20.64 3.27 12.11
N LEU B 197 20.68 2.16 11.36
CA LEU B 197 19.54 1.27 11.26
C LEU B 197 19.08 0.86 12.65
N ALA B 198 20.05 0.56 13.51
CA ALA B 198 19.78 0.15 14.89
C ALA B 198 19.05 1.20 15.73
N LEU B 199 18.91 2.41 15.21
CA LEU B 199 18.21 3.48 15.93
C LEU B 199 16.71 3.32 15.73
N MSE B 200 16.34 2.49 14.75
CA MSE B 200 14.94 2.24 14.44
C MSE B 200 14.37 1.30 15.46
O MSE B 200 15.10 0.74 16.27
CB MSE B 200 14.81 1.61 13.05
CG MSE B 200 15.35 2.46 11.92
SE MSE B 200 14.98 1.70 10.31
CE MSE B 200 13.33 2.35 9.94
N ALA B 201 13.05 1.13 15.42
CA ALA B 201 12.38 0.22 16.34
C ALA B 201 12.83 -1.20 15.99
N GLU B 202 12.92 -2.08 16.99
CA GLU B 202 13.35 -3.46 16.72
C GLU B 202 12.33 -4.17 15.84
N ASP B 203 11.20 -3.50 15.69
CA ASP B 203 10.03 -3.97 14.97
C ASP B 203 9.92 -3.34 13.58
N ALA B 204 10.79 -2.38 13.29
CA ALA B 204 10.76 -1.64 12.03
C ALA B 204 10.88 -2.36 10.71
N VAL B 205 10.39 -1.68 9.68
CA VAL B 205 10.41 -2.16 8.31
C VAL B 205 11.16 -1.11 7.49
N PHE B 206 12.29 -1.49 6.92
CA PHE B 206 13.07 -0.56 6.12
C PHE B 206 12.91 -0.89 4.64
N VAL B 207 12.38 0.04 3.88
CA VAL B 207 12.18 -0.17 2.46
C VAL B 207 13.21 0.57 1.62
N ASN B 208 13.92 -0.14 0.75
CA ASN B 208 14.91 0.49 -0.09
C ASN B 208 14.45 0.40 -1.53
N VAL B 209 14.37 1.53 -2.22
CA VAL B 209 13.91 1.47 -3.59
C VAL B 209 14.87 2.17 -4.54
N GLY B 210 15.87 2.83 -3.97
CA GLY B 210 16.88 3.49 -4.78
C GLY B 210 18.12 2.63 -4.63
N ARG B 211 19.21 3.02 -5.28
CA ARG B 211 20.44 2.24 -5.20
C ARG B 211 20.76 1.60 -3.84
N ALA B 212 21.11 0.32 -3.89
CA ALA B 212 21.43 -0.45 -2.68
C ALA B 212 22.72 -0.02 -1.98
N GLU B 213 23.74 0.35 -2.77
CA GLU B 213 25.05 0.74 -2.24
C GLU B 213 24.98 1.85 -1.19
N VAL B 214 23.84 2.54 -1.16
CA VAL B 214 23.57 3.61 -0.20
C VAL B 214 23.58 3.04 1.22
N LEU B 215 23.34 1.74 1.34
CA LEU B 215 23.34 1.08 2.63
C LEU B 215 24.54 0.17 2.71
N ASP B 216 25.20 0.14 3.86
CA ASP B 216 26.33 -0.74 4.01
C ASP B 216 25.79 -2.16 4.09
N ARG B 217 26.01 -2.92 3.02
CA ARG B 217 25.53 -4.30 2.93
C ARG B 217 25.75 -5.10 4.21
N ASP B 218 26.93 -5.01 4.79
CA ASP B 218 27.21 -5.77 6.01
C ASP B 218 26.31 -5.37 7.18
N GLY B 219 25.98 -4.08 7.24
CA GLY B 219 25.15 -3.60 8.33
C GLY B 219 23.77 -4.21 8.29
N VAL B 220 23.18 -4.14 7.10
CA VAL B 220 21.85 -4.67 6.84
C VAL B 220 21.79 -6.13 7.28
N LEU B 221 22.73 -6.90 6.76
CA LEU B 221 22.80 -8.31 7.08
C LEU B 221 22.87 -8.53 8.59
N ARG B 222 23.70 -7.73 9.24
CA ARG B 222 23.87 -7.89 10.67
C ARG B 222 22.61 -7.60 11.48
N ILE B 223 21.96 -6.48 11.20
CA ILE B 223 20.76 -6.12 11.95
C ILE B 223 19.67 -7.14 11.68
N LEU B 224 19.61 -7.61 10.44
CA LEU B 224 18.62 -8.60 10.04
C LEU B 224 18.79 -9.85 10.88
N LYS B 225 20.04 -10.24 11.10
CA LYS B 225 20.31 -11.43 11.89
C LYS B 225 20.13 -11.22 13.38
N GLU B 226 19.99 -9.96 13.81
CA GLU B 226 19.80 -9.67 15.22
C GLU B 226 18.33 -9.43 15.56
N ARG B 227 17.66 -8.66 14.71
CA ARG B 227 16.25 -8.35 14.95
C ARG B 227 15.31 -9.10 14.02
N PRO B 228 14.76 -10.22 14.48
CA PRO B 228 13.83 -11.07 13.74
C PRO B 228 12.65 -10.28 13.21
N GLN B 229 12.16 -9.35 14.02
CA GLN B 229 11.02 -8.55 13.63
C GLN B 229 11.40 -7.40 12.71
N PHE B 230 12.70 -7.15 12.56
CA PHE B 230 13.15 -6.10 11.66
C PHE B 230 13.05 -6.64 10.25
N ILE B 231 12.46 -5.86 9.35
CA ILE B 231 12.28 -6.32 7.99
C ILE B 231 12.94 -5.44 6.96
N PHE B 232 13.61 -6.05 6.02
CA PHE B 232 14.26 -5.32 4.95
C PHE B 232 13.53 -5.72 3.65
N ALA B 233 12.87 -4.75 3.04
CA ALA B 233 12.14 -4.98 1.80
C ALA B 233 12.79 -4.11 0.73
N SER B 234 13.42 -4.75 -0.25
CA SER B 234 14.12 -4.00 -1.26
C SER B 234 13.92 -4.48 -2.68
N ASP B 235 13.87 -3.52 -3.61
CA ASP B 235 13.72 -3.79 -5.03
C ASP B 235 15.06 -3.60 -5.70
N VAL B 236 16.06 -3.19 -4.93
CA VAL B 236 17.39 -2.93 -5.46
C VAL B 236 18.47 -3.64 -4.65
N TRP B 237 19.50 -4.16 -5.32
CA TRP B 237 20.51 -4.89 -4.59
C TRP B 237 21.95 -4.60 -4.92
N TRP B 238 22.82 -4.94 -3.98
CA TRP B 238 24.25 -4.74 -4.14
C TRP B 238 24.73 -5.52 -5.37
N GLY B 239 24.13 -6.68 -5.58
CA GLY B 239 24.48 -7.49 -6.73
C GLY B 239 24.17 -6.81 -8.04
N ARG B 240 23.44 -5.69 -7.96
CA ARG B 240 23.05 -4.91 -9.13
C ARG B 240 22.85 -5.77 -10.37
N ASN B 241 21.69 -6.39 -10.50
CA ASN B 241 21.37 -7.23 -11.65
C ASN B 241 21.86 -8.69 -11.60
N ASP B 242 22.80 -8.99 -10.70
CA ASP B 242 23.28 -10.35 -10.57
C ASP B 242 22.27 -11.09 -9.70
N PHE B 243 22.00 -10.51 -8.53
CA PHE B 243 21.06 -11.05 -7.56
C PHE B 243 21.62 -12.28 -6.84
N ALA B 244 21.98 -13.29 -7.61
CA ALA B 244 22.54 -14.51 -7.04
C ALA B 244 23.50 -14.13 -5.93
N LYS B 245 24.22 -13.03 -6.13
CA LYS B 245 25.20 -12.54 -5.16
C LYS B 245 24.59 -12.20 -3.80
N ASP B 246 23.34 -11.75 -3.80
CA ASP B 246 22.67 -11.39 -2.57
C ASP B 246 21.68 -12.44 -2.09
N ALA B 247 21.82 -13.64 -2.61
CA ALA B 247 20.91 -14.72 -2.22
C ALA B 247 20.89 -14.97 -0.72
N GLU B 248 21.98 -14.63 -0.02
CA GLU B 248 21.99 -14.87 1.42
C GLU B 248 20.94 -14.01 2.11
N PHE B 249 20.46 -12.98 1.42
CA PHE B 249 19.45 -12.12 2.01
C PHE B 249 18.08 -12.74 1.78
N PHE B 250 17.87 -13.23 0.56
CA PHE B 250 16.59 -13.80 0.19
C PHE B 250 16.19 -15.00 1.04
N SER B 251 17.17 -15.67 1.66
CA SER B 251 16.85 -16.83 2.48
C SER B 251 16.54 -16.44 3.91
N LEU B 252 16.61 -15.15 4.21
CA LEU B 252 16.30 -14.68 5.54
C LEU B 252 14.80 -14.48 5.56
N PRO B 253 14.13 -14.96 6.59
CA PRO B 253 12.68 -14.86 6.74
C PRO B 253 12.19 -13.43 6.83
N ASN B 254 13.06 -12.54 7.34
CA ASN B 254 12.68 -11.14 7.50
C ASN B 254 13.13 -10.24 6.35
N VAL B 255 13.13 -10.78 5.14
CA VAL B 255 13.51 -10.02 3.97
C VAL B 255 12.47 -10.17 2.87
N VAL B 256 12.10 -9.07 2.22
CA VAL B 256 11.15 -9.09 1.10
C VAL B 256 12.00 -8.58 -0.04
N ALA B 257 12.04 -9.31 -1.14
CA ALA B 257 12.89 -8.92 -2.24
C ALA B 257 12.23 -8.98 -3.60
N THR B 258 12.47 -7.94 -4.40
CA THR B 258 11.94 -7.86 -5.75
C THR B 258 13.12 -7.57 -6.66
N PRO B 259 13.10 -8.10 -7.89
CA PRO B 259 14.14 -7.98 -8.92
C PRO B 259 14.32 -6.63 -9.62
N TRP B 260 14.39 -5.54 -8.87
CA TRP B 260 14.60 -4.23 -9.47
C TRP B 260 13.52 -4.00 -10.54
N VAL B 261 12.26 -4.10 -10.16
CA VAL B 261 11.17 -3.93 -11.10
C VAL B 261 10.21 -2.80 -10.77
N ALA B 262 10.59 -1.93 -9.83
CA ALA B 262 9.74 -0.82 -9.46
C ALA B 262 9.64 0.15 -10.62
N GLY B 263 8.94 -0.21 -11.68
CA GLY B 263 8.86 0.69 -12.82
C GLY B 263 10.19 0.73 -13.56
N GLY B 264 10.12 0.81 -14.89
CA GLY B 264 11.33 0.83 -15.69
C GLY B 264 11.49 -0.56 -16.27
N TYR B 265 12.28 -1.38 -15.60
CA TYR B 265 12.52 -2.75 -16.04
C TYR B 265 11.33 -3.63 -15.67
N GLY B 266 10.34 -3.05 -15.00
CA GLY B 266 9.18 -3.82 -14.59
C GLY B 266 7.89 -3.52 -15.34
N ASN B 267 7.86 -2.39 -16.05
CA ASN B 267 6.67 -2.01 -16.79
C ASN B 267 7.04 -1.37 -18.13
N GLU B 268 6.56 -1.97 -19.21
CA GLU B 268 6.85 -1.48 -20.57
C GLU B 268 6.38 -0.04 -20.76
N ARG B 269 5.13 0.25 -20.39
CA ARG B 269 4.61 1.60 -20.51
C ARG B 269 5.56 2.59 -19.83
N VAL B 270 5.94 2.30 -18.59
CA VAL B 270 6.85 3.19 -17.88
C VAL B 270 8.16 3.37 -18.63
N TRP B 271 8.65 2.31 -19.26
CA TRP B 271 9.90 2.40 -20.02
C TRP B 271 9.74 3.38 -21.18
N ARG B 272 8.71 3.15 -21.99
CA ARG B 272 8.45 4.00 -23.13
C ARG B 272 8.37 5.46 -22.67
N GLN B 273 7.64 5.70 -21.57
CA GLN B 273 7.50 7.05 -21.05
C GLN B 273 8.86 7.64 -20.69
N MSE B 274 9.68 6.88 -19.99
CA MSE B 274 11.00 7.38 -19.61
C MSE B 274 11.73 7.80 -20.88
O MSE B 274 12.41 8.83 -20.91
CB MSE B 274 11.79 6.30 -18.88
CG MSE B 274 11.22 5.91 -17.52
SE MSE B 274 12.04 4.45 -16.82
CE MSE B 274 13.52 5.16 -16.04
N VAL B 275 11.58 7.00 -21.93
CA VAL B 275 12.21 7.26 -23.22
C VAL B 275 11.65 8.53 -23.90
N MSE B 276 10.34 8.56 -24.12
CA MSE B 276 9.69 9.71 -24.73
C MSE B 276 9.96 10.95 -23.90
O MSE B 276 9.74 12.07 -24.36
CB MSE B 276 8.18 9.49 -24.83
CG MSE B 276 7.71 8.73 -26.07
SE MSE B 276 7.81 9.69 -27.65
CE MSE B 276 6.30 10.79 -27.53
N GLU B 277 10.43 10.72 -22.66
CA GLU B 277 10.73 11.80 -21.74
C GLU B 277 12.20 12.20 -21.93
N ALA B 278 12.96 11.31 -22.54
CA ALA B 278 14.36 11.60 -22.81
C ALA B 278 14.31 12.36 -24.13
N VAL B 279 13.41 11.90 -25.00
CA VAL B 279 13.18 12.50 -26.30
C VAL B 279 13.06 14.01 -26.08
N ARG B 280 11.91 14.42 -25.55
CA ARG B 280 11.60 15.81 -25.26
C ARG B 280 12.73 16.59 -24.59
N ASN B 281 13.63 15.88 -23.92
CA ASN B 281 14.75 16.54 -23.27
C ASN B 281 15.88 16.74 -24.26
N LEU B 282 16.20 15.70 -25.04
CA LEU B 282 17.27 15.81 -26.03
C LEU B 282 16.96 17.05 -26.85
N ILE B 283 15.78 17.02 -27.45
CA ILE B 283 15.25 18.09 -28.28
C ILE B 283 15.71 19.48 -27.83
N THR B 284 15.50 19.82 -26.56
CA THR B 284 15.89 21.13 -26.08
C THR B 284 17.41 21.32 -25.96
N TYR B 285 18.18 20.24 -25.87
CA TYR B 285 19.63 20.40 -25.76
C TYR B 285 20.21 20.88 -27.09
N ALA B 286 19.33 21.48 -27.88
CA ALA B 286 19.68 22.02 -29.19
C ALA B 286 18.94 23.36 -29.29
N THR B 287 17.63 23.32 -29.10
CA THR B 287 16.80 24.52 -29.16
C THR B 287 17.14 25.50 -28.04
N GLY B 288 18.37 25.43 -27.54
CA GLY B 288 18.80 26.31 -26.48
C GLY B 288 17.81 26.43 -25.34
N GLY B 289 17.34 25.29 -24.83
CA GLY B 289 16.40 25.30 -23.74
C GLY B 289 17.12 25.22 -22.41
N ARG B 290 16.58 24.43 -21.49
CA ARG B 290 17.19 24.26 -20.17
C ARG B 290 17.47 22.78 -19.92
N PRO B 291 18.76 22.40 -19.83
CA PRO B 291 19.19 21.03 -19.59
C PRO B 291 18.82 20.53 -18.19
N ARG B 292 17.68 19.84 -18.09
CA ARG B 292 17.21 19.34 -16.80
C ARG B 292 18.07 18.20 -16.29
N ASN B 293 18.18 18.12 -14.96
CA ASN B 293 18.93 17.09 -14.23
C ASN B 293 20.46 17.11 -14.42
N ILE B 294 21.00 18.19 -15.00
CA ILE B 294 22.45 18.28 -15.22
C ILE B 294 23.24 17.89 -13.97
N ALA B 295 24.04 16.83 -14.09
CA ALA B 295 24.83 16.33 -12.98
C ALA B 295 25.79 17.32 -12.32
N LYS B 296 26.84 16.77 -11.70
CA LYS B 296 27.88 17.53 -11.01
C LYS B 296 29.01 16.57 -10.62
N ARG B 297 29.94 16.40 -11.55
CA ARG B 297 31.09 15.52 -11.37
C ARG B 297 31.55 15.34 -9.92
N GLU B 298 31.88 16.43 -9.23
CA GLU B 298 32.38 16.35 -7.85
C GLU B 298 31.55 15.53 -6.85
N ASP B 299 30.25 15.41 -7.08
CA ASP B 299 29.41 14.63 -6.17
C ASP B 299 29.83 13.17 -6.26
N TYR B 300 30.53 12.86 -7.34
CA TYR B 300 31.02 11.51 -7.60
C TYR B 300 32.54 11.63 -7.73
N ILE B 301 32.98 12.84 -8.07
CA ILE B 301 34.39 13.18 -8.27
C ILE B 301 34.94 12.34 -9.43
N GLY B 302 35.53 11.27 -9.16
PA NDP C . -20.69 2.68 7.53
O1A NDP C . -21.72 1.70 8.02
O2A NDP C . -19.83 2.22 8.65
O5B NDP C . -21.02 2.07 6.03
C5B NDP C . -22.02 2.92 5.33
C4B NDP C . -21.62 3.08 3.82
O4B NDP C . -21.94 1.91 2.97
C3B NDP C . -22.42 4.23 3.08
O3B NDP C . -21.72 4.61 1.90
C2B NDP C . -23.73 3.47 2.87
O2B NDP C . -24.78 3.97 2.12
C1B NDP C . -23.24 2.17 2.39
N9A NDP C . -24.22 1.15 2.47
C8A NDP C . -24.82 0.54 3.54
N7A NDP C . -25.69 -0.41 3.17
C5A NDP C . -25.61 -0.38 1.80
C6A NDP C . -26.30 -1.15 0.78
N6A NDP C . -27.20 -2.08 1.14
N1A NDP C . -26.00 -0.87 -0.54
C2A NDP C . -25.07 0.12 -0.82
N3A NDP C . -24.40 0.86 0.04
C4A NDP C . -24.72 0.54 1.34
O3 NDP C . -19.28 2.47 6.87
PN NDP C . -17.87 1.67 6.98
O1N NDP C . -16.93 2.07 5.89
O2N NDP C . -17.23 1.81 8.33
O5D NDP C . -18.26 0.05 6.80
C5D NDP C . -18.74 -0.66 7.96
C4D NDP C . -18.91 -2.13 7.52
O4D NDP C . -17.61 -2.66 7.19
C3D NDP C . -19.44 -2.97 8.67
O3D NDP C . -20.86 -2.96 8.64
C2D NDP C . -18.78 -4.35 8.38
O2D NDP C . -19.63 -5.19 7.57
C1D NDP C . -17.44 -3.99 7.72
N1N NDP C . -16.25 -4.03 8.71
C2N NDP C . -15.20 -4.97 8.40
C3N NDP C . -14.11 -5.01 9.30
C7N NDP C . -12.95 -6.04 8.99
O7N NDP C . -11.93 -5.94 9.64
N7N NDP C . -13.17 -6.95 8.00
C4N NDP C . -13.98 -4.18 10.48
C5N NDP C . -15.10 -3.29 10.66
C6N NDP C . -16.18 -3.18 9.85
P2B NDP C . -25.98 4.77 3.03
O1X NDP C . -26.88 5.07 1.86
O2X NDP C . -26.45 3.71 3.96
O3X NDP C . -25.30 5.88 3.66
#